data_3PBK
#
_entry.id   3PBK
#
_cell.length_a   91.469
_cell.length_b   118.336
_cell.length_c   137.973
_cell.angle_alpha   90.00
_cell.angle_beta   90.00
_cell.angle_gamma   90.00
#
_symmetry.space_group_name_H-M   'P 21 21 21'
#
loop_
_entity.id
_entity.type
_entity.pdbx_description
1 polymer 'Fatty Acyl-Adenylate Ligase'
2 non-polymer "5'-O-[(S)-(dodecanoyloxy)(hydroxy)phosphoryl]adenosine"
3 water water
#
_entity_poly.entity_id   1
_entity_poly.type   'polypeptide(L)'
_entity_poly.pdbx_seq_one_letter_code
;(MSE)SLSNKIFTHSLP(MSE)RYADFPTLVDALDYAALSSAG(MSE)NFYDRRCQLEDQLEYQTLKARAEAGAKRLLSL
NLKKGDRVALIAETSSEFVEAFFACQYAGLVAVPLAIP(MSE)GVGQRDSWSAKLQGLLASCQPAAIITGDEWLPLVNAA
THDNPELHVLSHAWFKALPEADVALQRPVPNDIAYLQYTSGSTRFPRGVIITHREV(MSE)ANLRAISHDGIKLRPGDRC
VSWLPFYHD(MSE)GLVGFLLTPVATQLSVDYLRTQDFA(MSE)RPLQWLKLISKNRGTVSVAPPFGYELCQRRVNEKDL
AELDLSCWRVAGIGAEPISAEQLHQFAECFRQVNFDNKTF(MSE)PCYGLAENALAVSFSDEASGVVVNEVDRDILEYQG
KAVAPGAETRAVSTFVNCGKALPEHGIEIRNEAG(MSE)PVAERVVGHICISGPSL(MSE)SGYFGDQVSQDEIAATGWL
DTGDLGYLLDGYLYVTGRIKDLIIIRGRNIWPQDIEYIAEQEPEIHSGDAIAFVTAQEKIILQIQCRISDEERRGQLIHA
LAARIQSEFGVTAAIDLLPPHSIPRTSSGKPARAEAKKRYQKAYAASLNVQESLAEGHHHHHH
;
_entity_poly.pdbx_strand_id   A,B
#
# COMPACT_ATOMS: atom_id res chain seq x y z
N PRO A 13 4.03 2.78 -13.12
CA PRO A 13 3.90 3.55 -11.85
C PRO A 13 4.15 2.64 -10.65
N ARG A 15 4.78 0.41 -7.30
CA ARG A 15 4.16 0.18 -5.99
C ARG A 15 4.97 -0.86 -5.23
N TYR A 16 5.21 -0.58 -3.94
CA TYR A 16 6.16 -1.34 -3.15
C TYR A 16 5.51 -2.45 -2.34
N ALA A 17 5.03 -3.49 -3.02
CA ALA A 17 4.43 -4.62 -2.34
C ALA A 17 3.16 -4.20 -1.54
N ASP A 18 2.69 -2.98 -1.79
CA ASP A 18 1.42 -2.41 -1.34
C ASP A 18 0.24 -3.34 -1.09
N PHE A 19 0.23 -4.50 -1.73
CA PHE A 19 -0.99 -5.31 -1.83
C PHE A 19 -1.25 -6.27 -0.68
N PRO A 20 -2.55 -6.62 -0.52
CA PRO A 20 -3.05 -7.57 0.47
C PRO A 20 -2.67 -9.01 0.15
N THR A 21 -2.64 -9.33 -1.14
CA THR A 21 -2.59 -10.70 -1.59
C THR A 21 -1.70 -10.82 -2.80
N LEU A 22 -0.99 -11.94 -2.93
CA LEU A 22 -0.07 -12.16 -4.05
C LEU A 22 -0.77 -12.03 -5.40
N VAL A 23 -2.03 -12.45 -5.44
CA VAL A 23 -2.82 -12.33 -6.65
C VAL A 23 -3.10 -10.84 -6.94
N ASP A 24 -3.47 -10.08 -5.93
CA ASP A 24 -3.53 -8.64 -6.08
C ASP A 24 -2.20 -8.13 -6.64
N ALA A 25 -1.11 -8.49 -5.99
CA ALA A 25 0.20 -8.07 -6.43
C ALA A 25 0.38 -8.30 -7.93
N LEU A 26 0.20 -9.55 -8.37
CA LEU A 26 0.44 -9.88 -9.76
C LEU A 26 -0.55 -9.19 -10.70
N ASP A 27 -1.78 -9.00 -10.23
CA ASP A 27 -2.80 -8.35 -11.03
C ASP A 27 -2.31 -6.98 -11.45
N TYR A 28 -1.66 -6.30 -10.51
CA TYR A 28 -1.10 -4.99 -10.78
C TYR A 28 0.09 -5.04 -11.73
N ALA A 29 0.91 -6.09 -11.62
CA ALA A 29 2.13 -6.18 -12.42
C ALA A 29 1.84 -6.56 -13.86
N ALA A 30 0.72 -7.25 -14.06
CA ALA A 30 0.32 -7.61 -15.41
C ALA A 30 -0.08 -6.36 -16.19
N LEU A 31 -0.06 -5.22 -15.52
CA LEU A 31 -0.36 -3.94 -16.17
C LEU A 31 0.92 -3.21 -16.59
N SER A 32 2.07 -3.76 -16.21
CA SER A 32 3.36 -3.18 -16.58
C SER A 32 3.84 -3.85 -17.85
N SER A 33 5.09 -3.58 -18.25
CA SER A 33 5.67 -4.24 -19.42
C SER A 33 6.88 -5.10 -19.02
N ALA A 34 7.06 -5.25 -17.71
CA ALA A 34 8.16 -6.03 -17.19
C ALA A 34 7.82 -7.51 -17.14
N GLY A 35 8.82 -8.31 -16.86
CA GLY A 35 8.61 -9.74 -16.76
C GLY A 35 9.91 -10.42 -16.44
N ASN A 37 13.11 -13.13 -17.50
CA ASN A 37 13.93 -13.57 -18.61
C ASN A 37 14.88 -14.69 -18.21
N PHE A 38 14.66 -15.87 -18.79
CA PHE A 38 15.48 -17.04 -18.50
C PHE A 38 16.64 -17.19 -19.48
N TYR A 39 17.86 -17.18 -18.94
CA TYR A 39 19.05 -17.23 -19.76
C TYR A 39 19.77 -18.56 -19.65
N ASP A 40 20.35 -19.02 -20.75
CA ASP A 40 21.14 -20.26 -20.76
C ASP A 40 22.54 -20.03 -20.19
N ARG A 41 23.39 -21.06 -20.19
CA ARG A 41 24.70 -20.94 -19.55
C ARG A 41 25.71 -20.10 -20.34
N ARG A 42 25.28 -19.58 -21.48
CA ARG A 42 26.09 -18.64 -22.24
C ARG A 42 25.41 -17.28 -22.32
N CYS A 43 24.68 -16.93 -21.28
CA CYS A 43 23.91 -15.68 -21.24
C CYS A 43 23.22 -15.38 -22.55
N GLN A 44 22.43 -16.35 -23.01
CA GLN A 44 21.61 -16.19 -24.19
C GLN A 44 20.16 -16.34 -23.79
N LEU A 45 19.32 -15.40 -24.19
CA LEU A 45 17.89 -15.46 -23.85
C LEU A 45 17.27 -16.75 -24.39
N GLU A 46 16.76 -17.57 -23.47
CA GLU A 46 16.30 -18.92 -23.77
C GLU A 46 14.78 -19.00 -23.72
N ASP A 47 14.17 -18.08 -22.99
CA ASP A 47 12.72 -18.02 -22.80
C ASP A 47 12.40 -16.75 -22.02
N GLN A 48 11.26 -16.13 -22.37
CA GLN A 48 10.81 -14.91 -21.70
C GLN A 48 9.38 -15.08 -21.19
N LEU A 49 9.05 -14.36 -20.12
CA LEU A 49 7.73 -14.45 -19.52
C LEU A 49 7.35 -13.10 -18.97
N GLU A 50 6.44 -12.42 -19.67
CA GLU A 50 5.93 -11.13 -19.19
C GLU A 50 4.88 -11.32 -18.11
N TYR A 51 4.83 -10.40 -17.17
CA TYR A 51 3.88 -10.53 -16.08
C TYR A 51 2.46 -10.52 -16.64
N GLN A 52 2.21 -9.61 -17.57
CA GLN A 52 0.94 -9.59 -18.28
C GLN A 52 0.56 -11.00 -18.69
N THR A 53 1.47 -11.67 -19.39
CA THR A 53 1.27 -13.04 -19.87
C THR A 53 1.17 -14.03 -18.71
N LEU A 54 2.03 -13.86 -17.70
CA LEU A 54 2.00 -14.73 -16.54
C LEU A 54 0.62 -14.75 -15.88
N LYS A 55 0.03 -13.58 -15.68
CA LYS A 55 -1.33 -13.49 -15.14
C LYS A 55 -2.32 -14.42 -15.88
N ALA A 56 -2.32 -14.34 -17.21
CA ALA A 56 -3.19 -15.16 -18.04
C ALA A 56 -2.93 -16.64 -17.78
N ARG A 57 -1.71 -17.06 -18.02
CA ARG A 57 -1.35 -18.45 -17.80
C ARG A 57 -1.67 -18.90 -16.38
N ALA A 58 -1.58 -17.98 -15.42
CA ALA A 58 -1.91 -18.32 -14.04
C ALA A 58 -3.41 -18.52 -13.81
N GLU A 59 -4.24 -17.65 -14.41
CA GLU A 59 -5.70 -17.78 -14.33
C GLU A 59 -6.18 -19.08 -14.96
N ALA A 60 -5.75 -19.32 -16.20
CA ALA A 60 -6.10 -20.56 -16.91
C ALA A 60 -5.68 -21.77 -16.09
N GLY A 61 -4.41 -21.79 -15.68
CA GLY A 61 -3.89 -22.88 -14.88
C GLY A 61 -4.71 -23.08 -13.63
N ALA A 62 -5.08 -21.98 -12.99
CA ALA A 62 -5.92 -22.04 -11.81
C ALA A 62 -7.20 -22.84 -12.10
N LYS A 63 -7.77 -22.64 -13.28
CA LYS A 63 -9.01 -23.34 -13.64
C LYS A 63 -8.74 -24.79 -14.01
N ARG A 64 -7.68 -25.05 -14.77
CA ARG A 64 -7.28 -26.43 -15.04
C ARG A 64 -7.16 -27.19 -13.72
N LEU A 65 -6.33 -26.68 -12.82
CA LEU A 65 -6.12 -27.30 -11.53
C LEU A 65 -7.41 -27.64 -10.80
N LEU A 66 -8.42 -26.78 -10.92
CA LEU A 66 -9.68 -27.00 -10.23
C LEU A 66 -10.53 -28.10 -10.86
N SER A 67 -10.33 -28.34 -12.16
CA SER A 67 -11.07 -29.38 -12.85
C SER A 67 -10.71 -30.72 -12.23
N LEU A 68 -9.65 -30.74 -11.46
CA LEU A 68 -9.22 -31.94 -10.77
C LEU A 68 -9.93 -32.10 -9.44
N ASN A 69 -11.05 -31.39 -9.27
CA ASN A 69 -11.82 -31.47 -8.02
C ASN A 69 -11.01 -31.25 -6.74
N LEU A 70 -10.03 -30.35 -6.82
CA LEU A 70 -9.20 -30.00 -5.68
C LEU A 70 -9.89 -28.87 -4.96
N LYS A 71 -9.89 -28.95 -3.63
CA LYS A 71 -10.59 -27.97 -2.81
C LYS A 71 -9.64 -26.94 -2.25
N LYS A 72 -10.14 -25.73 -2.01
CA LYS A 72 -9.34 -24.71 -1.36
C LYS A 72 -8.63 -25.30 -0.13
N GLY A 73 -7.42 -24.82 0.13
CA GLY A 73 -6.66 -25.27 1.28
C GLY A 73 -5.73 -26.40 0.91
N ASP A 74 -6.14 -27.20 -0.08
CA ASP A 74 -5.37 -28.34 -0.57
C ASP A 74 -4.00 -27.93 -1.07
N ARG A 75 -3.05 -28.87 -0.99
CA ARG A 75 -1.67 -28.60 -1.37
C ARG A 75 -1.26 -29.20 -2.73
N VAL A 76 -0.47 -28.44 -3.47
CA VAL A 76 0.07 -28.90 -4.75
C VAL A 76 1.59 -28.77 -4.74
N ALA A 77 2.28 -29.91 -4.70
CA ALA A 77 3.74 -29.95 -4.80
C ALA A 77 4.24 -29.56 -6.18
N LEU A 78 5.17 -28.63 -6.23
CA LEU A 78 5.81 -28.23 -7.47
C LEU A 78 7.27 -28.63 -7.42
N ILE A 79 7.76 -29.20 -8.52
CA ILE A 79 9.19 -29.44 -8.70
C ILE A 79 9.84 -28.14 -9.16
N ALA A 80 10.51 -27.48 -8.23
CA ALA A 80 10.90 -26.09 -8.42
C ALA A 80 12.13 -25.89 -9.28
N GLU A 81 11.97 -26.04 -10.59
CA GLU A 81 13.03 -25.66 -11.52
C GLU A 81 12.97 -24.17 -11.78
N THR A 82 14.09 -23.62 -12.26
CA THR A 82 14.12 -22.23 -12.70
C THR A 82 13.55 -22.13 -14.12
N SER A 83 12.22 -22.11 -14.23
CA SER A 83 11.58 -22.22 -15.53
C SER A 83 10.24 -21.50 -15.60
N SER A 84 9.99 -20.87 -16.75
CA SER A 84 8.69 -20.29 -17.06
C SER A 84 7.54 -21.24 -16.67
N GLU A 85 7.78 -22.55 -16.80
CA GLU A 85 6.79 -23.57 -16.45
C GLU A 85 6.46 -23.57 -14.98
N PHE A 86 7.49 -23.49 -14.16
CA PHE A 86 7.31 -23.54 -12.72
C PHE A 86 6.63 -22.30 -12.19
N VAL A 87 7.02 -21.13 -12.72
CA VAL A 87 6.42 -19.87 -12.31
C VAL A 87 4.91 -19.92 -12.54
N GLU A 88 4.50 -20.30 -13.74
CA GLU A 88 3.08 -20.33 -14.07
C GLU A 88 2.34 -21.23 -13.09
N ALA A 89 2.86 -22.44 -12.91
CA ALA A 89 2.26 -23.41 -12.00
C ALA A 89 2.06 -22.86 -10.61
N PHE A 90 3.06 -22.11 -10.12
CA PHE A 90 3.05 -21.56 -8.79
C PHE A 90 1.93 -20.52 -8.59
N PHE A 91 1.79 -19.59 -9.52
CA PHE A 91 0.71 -18.60 -9.44
C PHE A 91 -0.65 -19.22 -9.81
N ALA A 92 -0.61 -20.19 -10.71
CA ALA A 92 -1.79 -20.97 -10.98
C ALA A 92 -2.33 -21.49 -9.66
N CYS A 93 -1.43 -21.80 -8.73
CA CYS A 93 -1.87 -22.29 -7.44
C CYS A 93 -2.51 -21.19 -6.62
N GLN A 94 -1.89 -20.02 -6.61
CA GLN A 94 -2.37 -18.88 -5.85
C GLN A 94 -3.79 -18.52 -6.27
N TYR A 95 -4.01 -18.43 -7.58
CA TYR A 95 -5.30 -18.03 -8.17
C TYR A 95 -6.39 -19.07 -7.94
N ALA A 96 -5.97 -20.33 -7.89
CA ALA A 96 -6.89 -21.43 -7.64
C ALA A 96 -7.07 -21.63 -6.14
N GLY A 97 -6.46 -20.77 -5.34
CA GLY A 97 -6.59 -20.84 -3.90
C GLY A 97 -5.94 -22.06 -3.28
N LEU A 98 -5.11 -22.75 -4.05
CA LEU A 98 -4.41 -23.95 -3.60
C LEU A 98 -3.10 -23.59 -2.93
N VAL A 99 -2.64 -24.43 -2.04
CA VAL A 99 -1.40 -24.17 -1.33
C VAL A 99 -0.17 -24.73 -2.06
N ALA A 100 0.65 -23.83 -2.62
CA ALA A 100 1.87 -24.23 -3.33
C ALA A 100 2.96 -24.74 -2.38
N VAL A 101 3.64 -25.80 -2.78
CA VAL A 101 4.68 -26.41 -1.95
C VAL A 101 5.90 -26.69 -2.85
N PRO A 102 6.84 -25.73 -2.95
CA PRO A 102 8.00 -25.93 -3.82
C PRO A 102 9.00 -26.94 -3.27
N LEU A 103 9.36 -27.91 -4.10
CA LEU A 103 10.29 -28.98 -3.72
C LEU A 103 11.54 -28.91 -4.58
N ALA A 104 12.67 -29.32 -4.01
CA ALA A 104 13.95 -29.29 -4.74
C ALA A 104 14.13 -30.53 -5.61
N ILE A 105 14.71 -30.35 -6.80
CA ILE A 105 15.07 -31.47 -7.66
C ILE A 105 16.06 -32.40 -6.92
N PRO A 106 16.41 -33.53 -7.55
CA PRO A 106 17.45 -34.38 -6.94
C PRO A 106 18.84 -33.72 -6.97
N GLY A 108 21.33 -34.78 -7.64
CA GLY A 108 22.03 -35.38 -8.74
C GLY A 108 21.44 -36.72 -9.13
N VAL A 109 22.31 -37.73 -9.16
CA VAL A 109 21.93 -39.09 -9.47
C VAL A 109 22.95 -39.98 -8.77
N GLY A 110 22.44 -40.87 -7.93
CA GLY A 110 23.28 -41.59 -6.98
C GLY A 110 22.92 -41.05 -5.63
N GLN A 111 22.53 -39.77 -5.61
CA GLN A 111 21.88 -39.16 -4.46
C GLN A 111 20.37 -39.28 -4.66
N ARG A 112 19.98 -39.93 -5.76
CA ARG A 112 18.58 -40.03 -6.20
C ARG A 112 17.72 -40.96 -5.33
N ASP A 113 18.40 -41.77 -4.52
CA ASP A 113 17.73 -42.60 -3.51
C ASP A 113 17.55 -41.81 -2.22
N SER A 114 18.55 -40.99 -1.90
CA SER A 114 18.44 -40.00 -0.83
C SER A 114 17.19 -39.13 -1.04
N TRP A 115 17.00 -38.71 -2.29
CA TRP A 115 15.90 -37.83 -2.67
C TRP A 115 14.54 -38.42 -2.34
N SER A 116 14.31 -39.65 -2.76
CA SER A 116 13.02 -40.31 -2.55
C SER A 116 12.66 -40.46 -1.07
N ALA A 117 13.60 -40.92 -0.25
CA ALA A 117 13.37 -40.90 1.20
C ALA A 117 12.88 -39.52 1.64
N LYS A 118 13.61 -38.47 1.26
CA LYS A 118 13.23 -37.09 1.54
C LYS A 118 11.81 -36.79 1.06
N LEU A 119 11.56 -37.08 -0.23
CA LEU A 119 10.28 -36.76 -0.86
C LEU A 119 9.08 -37.40 -0.17
N GLN A 120 9.24 -38.63 0.30
CA GLN A 120 8.12 -39.33 0.91
C GLN A 120 7.75 -38.70 2.24
N GLY A 121 8.75 -38.15 2.93
CA GLY A 121 8.52 -37.49 4.20
C GLY A 121 7.85 -36.15 4.00
N LEU A 122 8.22 -35.47 2.92
CA LEU A 122 7.59 -34.23 2.54
C LEU A 122 6.09 -34.47 2.36
N LEU A 123 5.76 -35.59 1.70
CA LEU A 123 4.38 -35.94 1.41
C LEU A 123 3.61 -36.32 2.67
N ALA A 124 4.26 -37.03 3.58
CA ALA A 124 3.61 -37.39 4.83
C ALA A 124 3.28 -36.15 5.63
N SER A 125 4.11 -35.12 5.48
CA SER A 125 3.96 -33.89 6.26
C SER A 125 2.83 -32.96 5.79
N CYS A 126 2.60 -32.90 4.48
CA CYS A 126 1.57 -31.99 3.98
C CYS A 126 0.49 -32.60 3.06
N GLN A 127 0.58 -33.89 2.81
CA GLN A 127 -0.44 -34.57 1.97
C GLN A 127 -0.85 -33.79 0.73
N PRO A 128 0.09 -33.56 -0.20
CA PRO A 128 -0.32 -32.84 -1.40
C PRO A 128 -1.35 -33.68 -2.14
N ALA A 129 -2.28 -33.04 -2.86
CA ALA A 129 -3.32 -33.76 -3.58
C ALA A 129 -2.92 -33.95 -5.03
N ALA A 130 -1.82 -33.30 -5.40
CA ALA A 130 -1.29 -33.35 -6.76
C ALA A 130 0.16 -32.85 -6.78
N ILE A 131 0.92 -33.22 -7.79
CA ILE A 131 2.28 -32.74 -7.90
C ILE A 131 2.63 -32.54 -9.36
N ILE A 132 3.07 -31.34 -9.69
CA ILE A 132 3.40 -31.02 -11.06
C ILE A 132 4.90 -31.03 -11.23
N THR A 133 5.39 -31.76 -12.23
CA THR A 133 6.83 -31.87 -12.49
C THR A 133 7.14 -31.77 -13.97
N GLY A 134 8.41 -31.51 -14.27
CA GLY A 134 8.88 -31.55 -15.64
C GLY A 134 9.20 -32.97 -16.06
N ASP A 135 9.22 -33.21 -17.37
CA ASP A 135 9.42 -34.55 -17.89
C ASP A 135 10.67 -35.24 -17.32
N GLU A 136 11.76 -34.50 -17.20
CA GLU A 136 13.04 -35.06 -16.75
C GLU A 136 12.90 -35.87 -15.47
N TRP A 137 12.12 -35.35 -14.53
CA TRP A 137 11.97 -35.96 -13.22
C TRP A 137 10.72 -36.82 -13.12
N LEU A 138 9.91 -36.84 -14.19
CA LEU A 138 8.67 -37.60 -14.22
C LEU A 138 8.84 -39.06 -13.81
N PRO A 139 9.76 -39.79 -14.47
CA PRO A 139 9.97 -41.17 -14.02
C PRO A 139 10.17 -41.24 -12.51
N LEU A 140 11.26 -40.64 -12.04
CA LEU A 140 11.58 -40.61 -10.61
C LEU A 140 10.37 -40.37 -9.72
N VAL A 141 9.57 -39.35 -10.07
CA VAL A 141 8.38 -39.02 -9.29
C VAL A 141 7.49 -40.25 -9.19
N ASN A 142 7.12 -40.81 -10.33
CA ASN A 142 6.25 -41.98 -10.33
C ASN A 142 6.82 -43.14 -9.53
N ALA A 143 8.13 -43.33 -9.66
CA ALA A 143 8.80 -44.41 -8.96
C ALA A 143 8.80 -44.18 -7.43
N ALA A 144 8.66 -42.92 -7.01
CA ALA A 144 8.74 -42.56 -5.59
C ALA A 144 7.36 -42.39 -4.92
N THR A 145 6.37 -41.94 -5.68
CA THR A 145 5.01 -41.81 -5.16
C THR A 145 4.31 -43.15 -5.29
N HIS A 146 5.12 -44.18 -5.53
CA HIS A 146 4.67 -45.56 -5.67
C HIS A 146 3.56 -45.95 -4.66
N ASP A 147 3.67 -45.44 -3.44
CA ASP A 147 2.74 -45.83 -2.38
C ASP A 147 1.87 -44.69 -1.85
N ASN A 148 1.76 -43.63 -2.64
CA ASN A 148 0.78 -42.59 -2.42
C ASN A 148 -0.24 -42.61 -3.56
N PRO A 149 -1.33 -43.36 -3.38
CA PRO A 149 -2.35 -43.50 -4.44
C PRO A 149 -3.13 -42.21 -4.61
N GLU A 150 -3.39 -41.55 -3.49
CA GLU A 150 -4.20 -40.33 -3.44
C GLU A 150 -3.50 -39.12 -4.05
N LEU A 151 -2.42 -39.36 -4.79
CA LEU A 151 -1.65 -38.27 -5.36
C LEU A 151 -1.74 -38.28 -6.88
N HIS A 152 -2.29 -37.22 -7.46
CA HIS A 152 -2.19 -37.02 -8.90
C HIS A 152 -0.75 -36.65 -9.20
N VAL A 153 -0.17 -37.25 -10.24
CA VAL A 153 1.14 -36.87 -10.73
C VAL A 153 0.99 -36.32 -12.14
N LEU A 154 1.23 -35.02 -12.30
CA LEU A 154 1.04 -34.40 -13.60
C LEU A 154 2.37 -33.90 -14.14
N SER A 155 2.69 -34.26 -15.38
CA SER A 155 3.78 -33.56 -16.06
C SER A 155 3.26 -32.15 -16.34
N HIS A 156 4.16 -31.24 -16.66
CA HIS A 156 3.71 -29.88 -16.97
C HIS A 156 2.84 -29.91 -18.21
N ALA A 157 3.16 -30.81 -19.14
CA ALA A 157 2.39 -30.96 -20.37
C ALA A 157 0.96 -31.45 -20.08
N TRP A 158 0.84 -32.55 -19.34
CA TRP A 158 -0.48 -33.06 -18.94
C TRP A 158 -1.24 -31.97 -18.19
N PHE A 159 -0.56 -31.28 -17.29
CA PHE A 159 -1.14 -30.16 -16.56
C PHE A 159 -1.67 -29.09 -17.53
N LYS A 160 -0.84 -28.64 -18.46
CA LYS A 160 -1.26 -27.60 -19.42
C LYS A 160 -2.37 -28.17 -20.30
N ALA A 161 -2.44 -29.49 -20.35
CA ALA A 161 -3.37 -30.19 -21.23
C ALA A 161 -4.75 -30.40 -20.61
N LEU A 162 -4.89 -30.05 -19.33
CA LEU A 162 -6.16 -30.19 -18.63
C LEU A 162 -7.24 -29.21 -19.14
N PRO A 163 -8.50 -29.48 -18.78
CA PRO A 163 -9.64 -28.64 -19.12
C PRO A 163 -9.90 -27.54 -18.08
N GLU A 164 -10.19 -26.33 -18.55
CA GLU A 164 -10.68 -25.28 -17.69
C GLU A 164 -11.89 -25.78 -16.91
N ALA A 165 -11.76 -26.04 -15.61
CA ALA A 165 -12.94 -26.27 -14.78
C ALA A 165 -13.85 -25.04 -14.87
N ASP A 166 -15.07 -25.20 -15.39
CA ASP A 166 -15.90 -24.04 -15.70
C ASP A 166 -16.45 -23.38 -14.44
N VAL A 167 -15.65 -22.51 -13.83
CA VAL A 167 -16.02 -21.91 -12.55
C VAL A 167 -15.52 -20.49 -12.42
N ALA A 168 -16.16 -19.72 -11.55
CA ALA A 168 -15.75 -18.37 -11.24
C ALA A 168 -14.62 -18.36 -10.19
N LEU A 169 -13.44 -17.89 -10.61
CA LEU A 169 -12.28 -17.83 -9.72
C LEU A 169 -12.49 -16.90 -8.53
N GLN A 170 -12.45 -17.50 -7.34
CA GLN A 170 -12.59 -16.78 -6.07
C GLN A 170 -11.29 -16.06 -5.68
N ARG A 171 -11.42 -14.78 -5.32
CA ARG A 171 -10.27 -13.96 -4.96
C ARG A 171 -9.74 -14.36 -3.57
N PRO A 172 -8.42 -14.53 -3.45
CA PRO A 172 -7.85 -14.96 -2.16
C PRO A 172 -7.88 -13.82 -1.13
N VAL A 173 -7.96 -14.16 0.16
CA VAL A 173 -7.89 -13.16 1.23
C VAL A 173 -6.58 -13.29 2.04
N PRO A 174 -6.17 -12.19 2.69
CA PRO A 174 -4.90 -12.10 3.43
C PRO A 174 -4.55 -13.31 4.28
N ASN A 175 -5.50 -13.88 5.01
CA ASN A 175 -5.16 -14.93 5.95
C ASN A 175 -5.10 -16.33 5.39
N ASP A 176 -5.31 -16.44 4.09
CA ASP A 176 -5.15 -17.72 3.41
C ASP A 176 -3.69 -18.15 3.41
N ILE A 177 -3.46 -19.44 3.34
CA ILE A 177 -2.11 -19.97 3.16
C ILE A 177 -1.71 -19.85 1.68
N ALA A 178 -0.56 -19.23 1.43
CA ALA A 178 -0.09 -19.03 0.07
C ALA A 178 0.76 -20.19 -0.37
N TYR A 179 1.64 -20.64 0.52
CA TYR A 179 2.59 -21.69 0.17
C TYR A 179 3.28 -22.23 1.43
N LEU A 180 3.97 -23.36 1.28
CA LEU A 180 4.69 -23.96 2.39
C LEU A 180 6.17 -24.06 2.05
N GLN A 181 7.02 -23.68 2.98
CA GLN A 181 8.46 -23.69 2.74
C GLN A 181 9.13 -24.79 3.53
N TYR A 182 9.65 -25.80 2.82
CA TYR A 182 10.16 -26.99 3.51
C TYR A 182 11.66 -27.06 3.77
N THR A 183 12.41 -26.06 3.33
CA THR A 183 13.85 -26.10 3.60
C THR A 183 14.13 -26.27 5.09
N SER A 184 13.13 -26.01 5.92
CA SER A 184 13.34 -25.96 7.37
C SER A 184 13.43 -27.30 8.11
N GLY A 185 13.17 -28.40 7.41
CA GLY A 185 13.24 -29.72 8.03
C GLY A 185 14.41 -30.59 7.59
N SER A 186 14.70 -31.60 8.39
CA SER A 186 15.66 -32.62 7.99
C SER A 186 14.94 -33.74 7.25
N THR A 187 15.70 -34.66 6.67
CA THR A 187 15.07 -35.77 5.95
C THR A 187 14.30 -36.64 6.93
N ARG A 188 14.70 -36.58 8.20
CA ARG A 188 14.05 -37.34 9.25
C ARG A 188 12.85 -36.59 9.83
N PHE A 189 12.98 -35.27 9.98
CA PHE A 189 11.92 -34.48 10.60
C PHE A 189 11.44 -33.29 9.74
N PRO A 190 10.68 -33.59 8.67
CA PRO A 190 10.27 -32.56 7.71
C PRO A 190 9.37 -31.50 8.36
N ARG A 191 9.80 -30.26 8.32
CA ARG A 191 9.00 -29.17 8.86
C ARG A 191 8.56 -28.23 7.76
N GLY A 192 7.29 -27.84 7.78
CA GLY A 192 6.78 -26.94 6.76
C GLY A 192 6.41 -25.58 7.29
N VAL A 193 7.10 -24.53 6.82
CA VAL A 193 6.78 -23.17 7.25
C VAL A 193 5.50 -22.75 6.53
N ILE A 194 4.46 -22.38 7.29
CA ILE A 194 3.23 -21.86 6.68
C ILE A 194 3.37 -20.39 6.42
N ILE A 195 3.13 -19.99 5.18
CA ILE A 195 3.21 -18.58 4.85
C ILE A 195 1.86 -18.13 4.31
N THR A 196 1.18 -17.24 5.02
CA THR A 196 -0.10 -16.69 4.54
C THR A 196 0.16 -15.57 3.54
N HIS A 197 -0.87 -15.17 2.81
CA HIS A 197 -0.70 -14.03 1.92
C HIS A 197 -0.24 -12.80 2.70
N ARG A 198 -0.84 -12.57 3.87
CA ARG A 198 -0.53 -11.38 4.66
C ARG A 198 0.94 -11.35 5.04
N GLU A 199 1.45 -12.51 5.45
CA GLU A 199 2.82 -12.61 5.89
C GLU A 199 3.82 -12.40 4.75
N VAL A 200 3.64 -13.11 3.65
CA VAL A 200 4.57 -12.95 2.54
C VAL A 200 4.50 -11.53 1.99
N ALA A 202 3.73 -8.76 3.90
CA ALA A 202 4.40 -7.93 4.92
C ALA A 202 5.89 -7.90 4.65
N ASN A 203 6.45 -9.07 4.34
CA ASN A 203 7.87 -9.17 4.11
C ASN A 203 8.26 -8.56 2.78
N LEU A 204 7.53 -8.88 1.72
CA LEU A 204 7.76 -8.24 0.44
C LEU A 204 7.77 -6.71 0.57
N ARG A 205 6.80 -6.18 1.31
CA ARG A 205 6.74 -4.76 1.60
C ARG A 205 8.02 -4.30 2.33
N ALA A 206 8.42 -5.02 3.37
CA ALA A 206 9.63 -4.67 4.12
C ALA A 206 10.87 -4.63 3.22
N ILE A 207 11.07 -5.70 2.46
CA ILE A 207 12.22 -5.85 1.58
C ILE A 207 12.29 -4.72 0.57
N SER A 208 11.25 -4.59 -0.24
CA SER A 208 11.25 -3.58 -1.30
C SER A 208 11.30 -2.12 -0.79
N HIS A 209 10.55 -1.82 0.26
CA HIS A 209 10.38 -0.44 0.64
C HIS A 209 11.31 0.00 1.75
N ASP A 210 11.81 -0.97 2.52
CA ASP A 210 12.57 -0.63 3.74
C ASP A 210 13.95 -1.28 3.86
N GLY A 211 14.09 -2.49 3.36
CA GLY A 211 15.34 -3.21 3.49
C GLY A 211 16.29 -2.95 2.33
N ILE A 212 15.98 -3.53 1.18
CA ILE A 212 16.79 -3.29 0.01
C ILE A 212 16.63 -1.83 -0.40
N LYS A 213 15.40 -1.34 -0.35
CA LYS A 213 15.06 -0.04 -0.90
C LYS A 213 15.26 -0.03 -2.41
N LEU A 214 14.30 -0.60 -3.13
CA LEU A 214 14.34 -0.63 -4.58
C LEU A 214 13.91 0.71 -5.15
N ARG A 215 14.22 0.92 -6.41
CA ARG A 215 13.91 2.17 -7.09
C ARG A 215 13.34 1.86 -8.46
N PRO A 216 12.65 2.84 -9.06
CA PRO A 216 12.20 2.66 -10.44
C PRO A 216 13.42 2.54 -11.35
N GLY A 217 13.38 1.59 -12.27
CA GLY A 217 14.50 1.35 -13.16
C GLY A 217 15.46 0.28 -12.68
N ASP A 218 15.32 -0.15 -11.41
CA ASP A 218 16.08 -1.29 -10.90
C ASP A 218 15.74 -2.55 -11.68
N ARG A 219 16.68 -3.47 -11.74
CA ARG A 219 16.45 -4.74 -12.41
C ARG A 219 17.26 -5.85 -11.75
N CYS A 220 16.57 -6.91 -11.35
CA CYS A 220 17.17 -8.01 -10.60
C CYS A 220 17.82 -9.12 -11.42
N VAL A 221 18.82 -9.77 -10.83
CA VAL A 221 19.53 -10.86 -11.45
C VAL A 221 19.72 -11.95 -10.40
N SER A 222 19.28 -13.17 -10.70
CA SER A 222 19.43 -14.26 -9.74
C SER A 222 19.88 -15.55 -10.41
N TRP A 223 20.73 -16.30 -9.72
CA TRP A 223 21.06 -17.64 -10.15
C TRP A 223 20.57 -18.64 -9.10
N LEU A 224 19.92 -18.13 -8.06
CA LEU A 224 19.44 -18.95 -6.94
C LEU A 224 18.29 -19.87 -7.33
N PRO A 225 18.18 -21.02 -6.64
CA PRO A 225 17.13 -22.01 -6.95
C PRO A 225 15.80 -21.54 -6.41
N PHE A 226 14.70 -21.85 -7.11
CA PHE A 226 13.38 -21.49 -6.59
C PHE A 226 13.01 -22.36 -5.41
N TYR A 227 13.75 -23.45 -5.22
CA TYR A 227 13.44 -24.37 -4.14
C TYR A 227 14.04 -23.91 -2.81
N HIS A 228 15.02 -23.02 -2.85
CA HIS A 228 15.51 -22.38 -1.61
C HIS A 228 14.72 -21.14 -1.30
N ASP A 229 14.78 -20.73 -0.05
CA ASP A 229 14.00 -19.61 0.43
C ASP A 229 14.31 -18.26 -0.25
N GLY A 231 16.01 -17.60 -3.21
CA GLY A 231 15.72 -17.57 -4.63
C GLY A 231 14.27 -17.27 -4.90
N LEU A 232 13.40 -17.98 -4.18
CA LEU A 232 11.95 -17.88 -4.36
C LEU A 232 11.32 -16.54 -3.93
N VAL A 233 11.44 -16.19 -2.65
CA VAL A 233 10.74 -15.01 -2.14
C VAL A 233 11.43 -13.73 -2.57
N GLY A 234 12.76 -13.79 -2.55
CA GLY A 234 13.55 -12.68 -3.01
C GLY A 234 13.52 -12.53 -4.51
N PHE A 235 13.48 -13.63 -5.26
CA PHE A 235 13.66 -13.43 -6.69
C PHE A 235 12.61 -13.91 -7.65
N LEU A 236 11.56 -14.54 -7.14
CA LEU A 236 10.37 -14.72 -7.93
C LEU A 236 9.31 -13.72 -7.49
N LEU A 237 9.00 -13.72 -6.20
CA LEU A 237 7.92 -12.89 -5.65
C LEU A 237 8.23 -11.38 -5.63
N THR A 238 9.43 -10.99 -5.23
CA THR A 238 9.75 -9.56 -5.11
C THR A 238 9.77 -8.77 -6.43
N PRO A 239 10.35 -9.33 -7.51
CA PRO A 239 10.19 -8.65 -8.80
C PRO A 239 8.71 -8.60 -9.24
N VAL A 240 7.87 -9.49 -8.73
CA VAL A 240 6.46 -9.47 -9.10
C VAL A 240 5.69 -8.40 -8.33
N ALA A 241 6.02 -8.22 -7.05
CA ALA A 241 5.30 -7.29 -6.19
C ALA A 241 5.80 -5.87 -6.36
N THR A 242 6.76 -5.71 -7.26
CA THR A 242 7.48 -4.47 -7.42
C THR A 242 7.45 -4.08 -8.90
N GLN A 243 6.77 -4.90 -9.68
CA GLN A 243 6.66 -4.70 -11.12
C GLN A 243 8.01 -4.43 -11.76
N LEU A 244 9.04 -5.10 -11.23
CA LEU A 244 10.42 -5.01 -11.72
C LEU A 244 10.84 -6.26 -12.48
N SER A 245 11.60 -6.09 -13.55
CA SER A 245 12.05 -7.25 -14.32
C SER A 245 13.15 -8.02 -13.59
N VAL A 246 13.36 -9.27 -13.99
CA VAL A 246 14.43 -10.07 -13.42
C VAL A 246 15.00 -11.03 -14.46
N ASP A 247 16.29 -11.34 -14.35
CA ASP A 247 16.96 -12.31 -15.22
C ASP A 247 17.50 -13.47 -14.42
N TYR A 248 17.20 -14.69 -14.85
CA TYR A 248 17.66 -15.87 -14.14
C TYR A 248 18.75 -16.64 -14.86
N LEU A 249 19.67 -17.21 -14.08
CA LEU A 249 20.49 -18.32 -14.53
C LEU A 249 20.02 -19.58 -13.81
N ARG A 250 20.34 -20.75 -14.36
CA ARG A 250 20.06 -21.96 -13.64
C ARG A 250 21.14 -22.12 -12.57
N THR A 251 20.78 -22.72 -11.44
CA THR A 251 21.72 -22.77 -10.34
C THR A 251 22.93 -23.60 -10.70
N GLN A 252 22.70 -24.71 -11.40
CA GLN A 252 23.78 -25.60 -11.83
C GLN A 252 24.71 -24.91 -12.84
N ASP A 253 24.14 -24.10 -13.73
CA ASP A 253 24.93 -23.38 -14.73
C ASP A 253 25.89 -22.38 -14.09
N PHE A 254 25.42 -21.69 -13.06
CA PHE A 254 26.30 -20.82 -12.29
C PHE A 254 27.40 -21.64 -11.63
N ALA A 255 27.03 -22.72 -10.96
CA ALA A 255 27.99 -23.57 -10.26
C ALA A 255 29.17 -23.94 -11.15
N ARG A 257 29.97 -22.32 -14.28
CA ARG A 257 30.64 -21.10 -14.71
C ARG A 257 30.20 -19.87 -13.89
N PRO A 258 30.72 -19.76 -12.66
CA PRO A 258 30.40 -18.63 -11.78
C PRO A 258 30.32 -17.31 -12.53
N LEU A 259 31.37 -16.96 -13.27
CA LEU A 259 31.45 -15.65 -13.87
C LEU A 259 30.29 -15.30 -14.81
N GLN A 260 29.53 -16.31 -15.23
CA GLN A 260 28.39 -16.03 -16.06
C GLN A 260 27.34 -15.18 -15.33
N TRP A 261 27.43 -15.17 -14.00
CA TRP A 261 26.56 -14.35 -13.16
C TRP A 261 26.91 -12.89 -13.33
N LEU A 262 28.18 -12.57 -13.22
CA LEU A 262 28.61 -11.19 -13.38
C LEU A 262 28.42 -10.78 -14.83
N LYS A 263 28.63 -11.71 -15.75
CA LYS A 263 28.38 -11.46 -17.15
C LYS A 263 26.96 -10.93 -17.33
N LEU A 264 26.01 -11.74 -16.91
CA LEU A 264 24.60 -11.40 -17.07
C LEU A 264 24.31 -10.01 -16.53
N ILE A 265 24.79 -9.70 -15.32
CA ILE A 265 24.58 -8.37 -14.76
C ILE A 265 25.06 -7.31 -15.74
N SER A 266 26.33 -7.38 -16.13
CA SER A 266 26.91 -6.38 -17.03
C SER A 266 26.22 -6.33 -18.40
N LYS A 267 25.70 -7.47 -18.85
CA LYS A 267 25.05 -7.57 -20.16
C LYS A 267 23.82 -6.70 -20.26
N ASN A 268 22.98 -6.73 -19.24
CA ASN A 268 21.72 -6.01 -19.25
C ASN A 268 21.73 -4.82 -18.32
N ARG A 269 22.92 -4.38 -17.91
CA ARG A 269 23.02 -3.30 -16.95
C ARG A 269 22.18 -3.62 -15.71
N GLY A 270 22.26 -4.87 -15.28
CA GLY A 270 21.61 -5.35 -14.07
C GLY A 270 21.95 -4.51 -12.86
N THR A 271 21.08 -4.53 -11.86
CA THR A 271 21.18 -3.56 -10.80
C THR A 271 21.23 -4.17 -9.40
N VAL A 272 20.37 -5.16 -9.16
CA VAL A 272 20.23 -5.76 -7.86
C VAL A 272 20.44 -7.26 -7.98
N SER A 273 21.20 -7.82 -7.06
CA SER A 273 21.36 -9.25 -7.01
C SER A 273 21.82 -9.63 -5.63
N VAL A 274 21.52 -10.85 -5.21
CA VAL A 274 21.91 -11.29 -3.90
C VAL A 274 22.30 -12.75 -3.97
N ALA A 275 23.35 -13.11 -3.25
CA ALA A 275 23.86 -14.48 -3.24
C ALA A 275 24.38 -14.78 -1.84
N PRO A 276 24.63 -16.06 -1.54
CA PRO A 276 25.30 -16.46 -0.30
C PRO A 276 26.79 -16.14 -0.37
N PRO A 277 27.47 -16.11 0.79
CA PRO A 277 28.90 -15.84 0.86
C PRO A 277 29.70 -16.58 -0.21
N PHE A 278 29.43 -17.87 -0.40
CA PHE A 278 30.22 -18.65 -1.36
C PHE A 278 29.98 -18.25 -2.81
N GLY A 279 28.81 -17.72 -3.12
CA GLY A 279 28.57 -17.28 -4.48
C GLY A 279 29.58 -16.24 -4.90
N TYR A 280 29.97 -15.40 -3.94
CA TYR A 280 30.93 -14.34 -4.19
C TYR A 280 32.34 -14.89 -4.24
N GLU A 281 32.63 -15.79 -3.30
CA GLU A 281 33.95 -16.38 -3.23
C GLU A 281 34.25 -17.23 -4.46
N LEU A 282 33.29 -18.07 -4.85
CA LEU A 282 33.43 -18.88 -6.06
C LEU A 282 33.95 -18.01 -7.19
N CYS A 283 33.30 -16.87 -7.42
CA CYS A 283 33.68 -15.96 -8.51
C CYS A 283 35.14 -15.52 -8.50
N GLN A 284 35.55 -14.88 -7.43
CA GLN A 284 36.90 -14.33 -7.33
C GLN A 284 37.95 -15.46 -7.37
N ARG A 285 37.55 -16.64 -6.92
CA ARG A 285 38.41 -17.82 -6.96
C ARG A 285 38.64 -18.32 -8.39
N ARG A 286 37.63 -18.20 -9.24
CA ARG A 286 37.71 -18.81 -10.55
C ARG A 286 37.63 -17.81 -11.69
N VAL A 287 38.00 -16.56 -11.42
CA VAL A 287 37.99 -15.54 -12.45
C VAL A 287 39.25 -15.64 -13.29
N ASN A 288 39.14 -15.22 -14.55
CA ASN A 288 40.31 -15.08 -15.40
C ASN A 288 40.17 -13.90 -16.36
N GLU A 289 41.29 -13.40 -16.85
CA GLU A 289 41.32 -12.18 -17.66
C GLU A 289 40.34 -12.21 -18.83
N LYS A 290 40.24 -13.36 -19.49
CA LYS A 290 39.31 -13.52 -20.59
C LYS A 290 37.94 -13.05 -20.15
N ASP A 291 37.61 -13.35 -18.89
CA ASP A 291 36.31 -13.02 -18.30
C ASP A 291 36.13 -11.52 -18.04
N LEU A 292 37.19 -10.87 -17.55
CA LEU A 292 37.13 -9.45 -17.22
C LEU A 292 36.98 -8.56 -18.45
N ALA A 293 37.08 -9.17 -19.63
CA ALA A 293 37.10 -8.45 -20.90
C ALA A 293 35.74 -7.84 -21.29
N GLU A 294 34.66 -8.41 -20.77
CA GLU A 294 33.32 -7.91 -21.05
C GLU A 294 32.81 -7.01 -19.93
N LEU A 295 33.30 -7.26 -18.72
CA LEU A 295 32.66 -6.77 -17.51
C LEU A 295 32.73 -5.27 -17.27
N ASP A 296 31.56 -4.69 -17.10
CA ASP A 296 31.45 -3.38 -16.49
C ASP A 296 30.40 -3.52 -15.43
N LEU A 297 30.71 -3.12 -14.21
CA LEU A 297 29.84 -3.44 -13.08
C LEU A 297 29.35 -2.22 -12.33
N SER A 298 29.50 -1.05 -12.95
CA SER A 298 29.06 0.21 -12.35
C SER A 298 27.55 0.25 -12.14
N CYS A 299 26.83 -0.48 -12.98
CA CYS A 299 25.38 -0.59 -12.93
C CYS A 299 24.90 -1.37 -11.71
N TRP A 300 25.78 -2.22 -11.18
CA TRP A 300 25.44 -3.05 -10.04
C TRP A 300 25.28 -2.16 -8.82
N ARG A 301 24.03 -1.89 -8.44
CA ARG A 301 23.72 -0.93 -7.38
C ARG A 301 23.69 -1.56 -6.00
N VAL A 302 23.16 -2.76 -5.91
CA VAL A 302 23.07 -3.48 -4.64
C VAL A 302 23.50 -4.94 -4.79
N ALA A 303 24.64 -5.27 -4.19
CA ALA A 303 25.12 -6.64 -4.11
C ALA A 303 24.93 -7.18 -2.69
N GLY A 304 23.92 -8.03 -2.51
CA GLY A 304 23.56 -8.52 -1.19
C GLY A 304 24.22 -9.82 -0.81
N ILE A 305 24.46 -10.00 0.49
CA ILE A 305 25.03 -11.23 1.01
C ILE A 305 24.28 -11.64 2.25
N GLY A 306 23.92 -12.92 2.33
CA GLY A 306 23.27 -13.45 3.50
C GLY A 306 23.13 -14.95 3.32
N ALA A 307 22.40 -15.60 4.22
CA ALA A 307 22.13 -17.04 4.18
C ALA A 307 23.03 -17.85 5.11
N GLU A 308 24.25 -17.36 5.33
CA GLU A 308 25.21 -18.04 6.19
C GLU A 308 26.07 -16.94 6.74
N PRO A 309 26.83 -17.22 7.82
CA PRO A 309 27.70 -16.19 8.40
C PRO A 309 28.61 -15.57 7.35
N ILE A 310 28.59 -14.24 7.25
CA ILE A 310 29.31 -13.57 6.19
C ILE A 310 30.78 -13.41 6.54
N SER A 311 31.66 -13.69 5.58
CA SER A 311 33.08 -13.42 5.75
C SER A 311 33.45 -12.05 5.21
N ALA A 312 33.72 -11.11 6.10
CA ALA A 312 34.17 -9.79 5.68
C ALA A 312 35.39 -9.94 4.80
N GLU A 313 36.34 -10.73 5.29
CA GLU A 313 37.61 -10.98 4.61
C GLU A 313 37.41 -11.35 3.16
N GLN A 314 36.50 -12.28 2.90
CA GLN A 314 36.24 -12.72 1.53
C GLN A 314 35.70 -11.57 0.70
N LEU A 315 34.64 -10.95 1.21
CA LEU A 315 33.99 -9.89 0.46
C LEU A 315 35.01 -8.82 0.07
N HIS A 316 35.97 -8.56 0.95
CA HIS A 316 37.06 -7.67 0.61
C HIS A 316 37.85 -8.25 -0.56
N GLN A 317 38.20 -9.53 -0.46
CA GLN A 317 38.90 -10.15 -1.58
C GLN A 317 38.12 -9.93 -2.86
N PHE A 318 36.82 -10.23 -2.85
CA PHE A 318 36.03 -10.11 -4.06
C PHE A 318 36.06 -8.67 -4.61
N ALA A 319 35.92 -7.69 -3.73
CA ALA A 319 35.83 -6.30 -4.15
C ALA A 319 37.14 -5.87 -4.77
N GLU A 320 38.24 -6.31 -4.15
CA GLU A 320 39.57 -6.03 -4.62
C GLU A 320 39.76 -6.63 -5.99
N CYS A 321 39.16 -7.79 -6.21
CA CYS A 321 39.29 -8.49 -7.47
C CYS A 321 38.58 -7.75 -8.60
N PHE A 322 37.44 -7.16 -8.30
CA PHE A 322 36.63 -6.55 -9.35
C PHE A 322 36.53 -5.04 -9.30
N ARG A 323 37.45 -4.41 -8.57
CA ARG A 323 37.55 -2.97 -8.70
C ARG A 323 37.84 -2.66 -10.16
N GLN A 324 38.77 -3.41 -10.76
CA GLN A 324 39.20 -3.14 -12.14
C GLN A 324 38.08 -3.11 -13.21
N VAL A 325 36.96 -3.76 -12.93
CA VAL A 325 35.82 -3.71 -13.84
C VAL A 325 34.69 -2.90 -13.23
N ASN A 326 35.04 -2.02 -12.31
CA ASN A 326 34.10 -1.05 -11.74
C ASN A 326 33.08 -1.58 -10.76
N PHE A 327 33.44 -2.58 -9.98
CA PHE A 327 32.60 -2.96 -8.85
C PHE A 327 32.83 -2.01 -7.67
N ASP A 328 31.80 -1.29 -7.26
CA ASP A 328 31.90 -0.45 -6.08
C ASP A 328 31.62 -1.29 -4.83
N ASN A 329 32.59 -1.36 -3.93
CA ASN A 329 32.38 -2.16 -2.73
C ASN A 329 31.32 -1.58 -1.79
N LYS A 330 30.92 -0.33 -2.03
CA LYS A 330 29.90 0.30 -1.20
C LYS A 330 28.54 -0.28 -1.52
N THR A 331 28.48 -1.02 -2.63
CA THR A 331 27.23 -1.62 -3.09
C THR A 331 26.91 -2.89 -2.32
N PHE A 332 27.87 -3.34 -1.51
CA PHE A 332 27.69 -4.50 -0.64
C PHE A 332 26.62 -4.28 0.40
N PRO A 334 25.22 -6.66 3.34
CA PRO A 334 24.99 -7.83 4.17
C PRO A 334 23.58 -7.79 4.73
N CYS A 335 22.89 -8.93 4.72
CA CYS A 335 21.54 -9.02 5.23
C CYS A 335 21.26 -10.38 5.91
N TYR A 336 20.20 -10.43 6.70
CA TYR A 336 19.87 -11.61 7.49
C TYR A 336 18.42 -12.01 7.33
N GLY A 337 18.13 -13.31 7.40
CA GLY A 337 16.77 -13.80 7.27
C GLY A 337 16.61 -15.28 7.54
N LEU A 338 15.38 -15.76 7.50
CA LEU A 338 15.09 -17.19 7.55
C LEU A 338 13.70 -17.44 6.99
N ALA A 339 13.37 -18.70 6.75
CA ALA A 339 12.11 -19.03 6.09
C ALA A 339 10.98 -18.73 7.03
N GLU A 340 11.23 -18.94 8.32
CA GLU A 340 10.23 -18.80 9.36
C GLU A 340 9.74 -17.36 9.48
N ASN A 341 10.30 -16.47 8.69
CA ASN A 341 9.85 -15.09 8.62
C ASN A 341 9.62 -14.73 7.15
N ALA A 342 9.22 -15.74 6.36
CA ALA A 342 9.12 -15.63 4.91
C ALA A 342 10.50 -15.55 4.24
N LEU A 343 11.27 -14.52 4.58
CA LEU A 343 12.61 -14.37 4.01
C LEU A 343 13.48 -13.44 4.84
N ALA A 344 13.20 -12.14 4.78
CA ALA A 344 14.10 -11.11 5.28
C ALA A 344 13.81 -10.69 6.72
N VAL A 345 14.88 -10.36 7.46
CA VAL A 345 14.74 -9.90 8.84
C VAL A 345 15.49 -8.57 9.05
N SER A 346 16.61 -8.40 8.36
CA SER A 346 17.35 -7.17 8.45
C SER A 346 18.31 -6.99 7.30
N PHE A 347 18.65 -5.74 7.02
CA PHE A 347 19.54 -5.38 5.94
C PHE A 347 20.50 -4.34 6.46
N SER A 348 21.75 -4.38 6.02
CA SER A 348 22.71 -3.33 6.34
C SER A 348 22.23 -2.03 5.68
N ASP A 349 22.76 -0.91 6.14
CA ASP A 349 22.31 0.38 5.64
C ASP A 349 22.53 0.52 4.13
N GLU A 350 21.82 1.47 3.53
CA GLU A 350 21.93 1.75 2.10
C GLU A 350 23.32 2.30 1.86
N ALA A 351 23.91 1.93 0.74
CA ALA A 351 25.27 2.38 0.38
C ALA A 351 26.32 2.26 1.51
N SER A 352 26.30 1.14 2.24
CA SER A 352 27.08 1.02 3.46
C SER A 352 28.44 0.34 3.23
N GLY A 353 28.51 -0.49 2.20
CA GLY A 353 29.57 -1.46 2.11
C GLY A 353 29.42 -2.39 3.30
N VAL A 354 30.32 -3.36 3.43
CA VAL A 354 30.31 -4.24 4.58
C VAL A 354 30.77 -3.46 5.82
N VAL A 355 30.00 -3.51 6.88
CA VAL A 355 30.40 -2.90 8.14
C VAL A 355 30.69 -3.99 9.16
N VAL A 356 31.83 -3.91 9.84
CA VAL A 356 32.24 -4.99 10.73
C VAL A 356 32.37 -4.54 12.18
N ASN A 357 32.17 -5.47 13.10
CA ASN A 357 32.51 -5.25 14.49
C ASN A 357 33.52 -6.31 14.97
N GLU A 358 34.66 -5.85 15.46
CA GLU A 358 35.67 -6.78 15.97
C GLU A 358 35.48 -7.02 17.45
N VAL A 359 35.79 -8.24 17.89
CA VAL A 359 35.62 -8.57 19.30
C VAL A 359 36.80 -9.36 19.84
N ASP A 360 37.10 -9.21 21.12
CA ASP A 360 38.06 -10.09 21.79
C ASP A 360 37.45 -11.50 21.68
N ARG A 361 38.16 -12.42 21.04
CA ARG A 361 37.59 -13.73 20.84
C ARG A 361 37.43 -14.51 22.15
N ASP A 362 38.43 -14.40 23.03
CA ASP A 362 38.39 -15.10 24.32
C ASP A 362 37.24 -14.60 25.23
N ILE A 363 36.91 -13.31 25.14
CA ILE A 363 35.80 -12.83 25.93
C ILE A 363 34.46 -13.39 25.41
N LEU A 364 34.39 -13.65 24.11
CA LEU A 364 33.20 -14.24 23.52
C LEU A 364 33.07 -15.72 23.90
N GLU A 365 34.14 -16.47 23.68
CA GLU A 365 34.12 -17.89 23.96
C GLU A 365 33.86 -18.19 25.43
N TYR A 366 34.50 -17.44 26.33
CA TYR A 366 34.48 -17.75 27.75
C TYR A 366 33.38 -17.05 28.57
N GLN A 367 32.96 -15.88 28.11
CA GLN A 367 32.01 -15.08 28.89
C GLN A 367 30.79 -14.66 28.08
N GLY A 368 30.65 -15.24 26.88
CA GLY A 368 29.55 -14.93 26.00
C GLY A 368 29.20 -13.45 25.86
N LYS A 369 30.22 -12.61 25.75
CA LYS A 369 30.03 -11.18 25.56
C LYS A 369 30.89 -10.64 24.42
N ALA A 370 30.31 -9.78 23.60
CA ALA A 370 31.03 -9.11 22.53
C ALA A 370 31.62 -7.81 23.05
N VAL A 371 32.91 -7.81 23.37
CA VAL A 371 33.56 -6.56 23.75
C VAL A 371 34.63 -6.19 22.74
N ALA A 372 35.00 -4.91 22.70
CA ALA A 372 35.94 -4.42 21.71
C ALA A 372 37.35 -4.81 22.12
N PRO A 373 38.16 -5.25 21.14
CA PRO A 373 39.52 -5.70 21.43
C PRO A 373 40.28 -4.62 22.17
N GLY A 374 40.87 -4.96 23.31
CA GLY A 374 41.65 -4.02 24.07
C GLY A 374 43.14 -4.22 23.91
N ALA A 375 43.91 -3.61 24.82
CA ALA A 375 45.35 -3.70 24.80
C ALA A 375 45.81 -5.10 25.15
N GLU A 376 44.97 -5.84 25.87
CA GLU A 376 45.36 -7.17 26.33
C GLU A 376 44.73 -8.28 25.50
N THR A 377 43.94 -7.88 24.49
CA THR A 377 43.29 -8.82 23.61
C THR A 377 44.31 -9.63 22.81
N ARG A 378 44.18 -10.94 22.84
CA ARG A 378 45.11 -11.80 22.12
C ARG A 378 44.50 -12.47 20.87
N ALA A 379 43.17 -12.53 20.80
CA ALA A 379 42.51 -13.13 19.67
C ALA A 379 41.30 -12.30 19.29
N VAL A 380 40.93 -12.32 18.01
CA VAL A 380 39.84 -11.49 17.51
C VAL A 380 38.92 -12.21 16.53
N SER A 381 37.62 -12.10 16.74
CA SER A 381 36.67 -12.51 15.73
C SER A 381 36.03 -11.25 15.12
N THR A 382 35.73 -11.31 13.83
CA THR A 382 35.06 -10.22 13.12
C THR A 382 33.65 -10.62 12.75
N PHE A 383 32.66 -9.81 13.11
CA PHE A 383 31.28 -10.08 12.73
C PHE A 383 30.71 -9.01 11.81
N VAL A 384 29.87 -9.41 10.87
CA VAL A 384 29.35 -8.44 9.92
C VAL A 384 28.04 -7.82 10.39
N ASN A 385 27.94 -6.49 10.26
CA ASN A 385 26.72 -5.75 10.58
C ASN A 385 25.60 -6.15 9.62
N CYS A 386 24.52 -6.70 10.17
CA CYS A 386 23.41 -7.20 9.36
C CYS A 386 22.18 -6.32 9.44
N GLY A 387 22.34 -5.09 9.95
CA GLY A 387 21.26 -4.13 9.89
C GLY A 387 20.46 -4.02 11.16
N LYS A 388 19.46 -3.15 11.15
CA LYS A 388 18.54 -3.01 12.28
C LYS A 388 17.18 -3.60 11.92
N ALA A 389 16.32 -3.76 12.92
CA ALA A 389 14.98 -4.30 12.66
C ALA A 389 14.27 -3.46 11.61
N LEU A 390 13.43 -4.13 10.82
CA LEU A 390 12.59 -3.46 9.84
C LEU A 390 11.41 -2.76 10.51
N PRO A 391 10.87 -1.71 9.85
CA PRO A 391 9.65 -1.07 10.37
C PRO A 391 8.58 -2.10 10.73
N GLU A 392 8.06 -1.96 11.95
CA GLU A 392 6.98 -2.79 12.47
C GLU A 392 7.42 -4.19 12.90
N HIS A 393 8.70 -4.53 12.72
CA HIS A 393 9.22 -5.83 13.15
C HIS A 393 10.18 -5.65 14.30
N GLY A 394 10.22 -6.60 15.21
CA GLY A 394 11.13 -6.52 16.34
C GLY A 394 12.24 -7.55 16.27
N ILE A 395 13.41 -7.18 16.79
CA ILE A 395 14.51 -8.12 16.95
C ILE A 395 15.04 -7.98 18.37
N GLU A 396 15.09 -9.07 19.10
CA GLU A 396 15.47 -9.01 20.50
C GLU A 396 16.41 -10.15 20.84
N ILE A 397 17.44 -9.88 21.64
CA ILE A 397 18.37 -10.92 22.03
C ILE A 397 18.01 -11.46 23.41
N ARG A 398 17.73 -12.75 23.48
CA ARG A 398 17.34 -13.38 24.75
C ARG A 398 18.26 -14.51 25.14
N ASN A 399 18.30 -14.77 26.44
CA ASN A 399 19.12 -15.83 26.97
C ASN A 399 18.36 -17.15 27.06
N GLU A 400 19.01 -18.11 27.71
CA GLU A 400 18.46 -19.45 27.92
C GLU A 400 17.02 -19.37 28.41
N ALA A 401 16.86 -18.67 29.54
CA ALA A 401 15.59 -18.59 30.26
C ALA A 401 14.48 -17.89 29.48
N GLY A 402 14.85 -17.05 28.53
CA GLY A 402 13.86 -16.30 27.76
C GLY A 402 13.80 -14.84 28.17
N PRO A 404 15.33 -11.00 28.17
CA PRO A 404 16.08 -10.10 27.30
C PRO A 404 17.39 -9.67 27.93
N VAL A 405 18.46 -9.71 27.14
CA VAL A 405 19.79 -9.35 27.62
C VAL A 405 20.23 -8.02 27.03
N ALA A 406 21.35 -7.50 27.53
CA ALA A 406 21.80 -6.16 27.16
C ALA A 406 22.55 -6.14 25.84
N GLU A 407 22.96 -4.97 25.37
CA GLU A 407 23.82 -4.91 24.21
C GLU A 407 25.12 -5.62 24.49
N ARG A 408 25.68 -6.23 23.46
CA ARG A 408 26.98 -6.91 23.51
C ARG A 408 26.88 -8.28 24.18
N VAL A 409 25.69 -8.65 24.62
CA VAL A 409 25.49 -9.97 25.20
C VAL A 409 24.97 -10.94 24.13
N VAL A 410 25.70 -12.03 23.89
CA VAL A 410 25.27 -12.97 22.87
C VAL A 410 24.16 -13.85 23.41
N GLY A 411 23.14 -14.10 22.58
CA GLY A 411 22.03 -14.97 22.94
C GLY A 411 21.18 -15.33 21.73
N HIS A 412 20.00 -15.92 21.99
CA HIS A 412 19.04 -16.34 20.95
C HIS A 412 18.39 -15.15 20.25
N ILE A 413 18.57 -15.04 18.93
CA ILE A 413 17.93 -13.99 18.16
C ILE A 413 16.42 -14.26 18.00
N CYS A 414 15.59 -13.38 18.55
CA CYS A 414 14.15 -13.55 18.47
C CYS A 414 13.50 -12.47 17.62
N ILE A 415 12.55 -12.87 16.78
CA ILE A 415 11.93 -11.98 15.83
C ILE A 415 10.43 -11.90 16.07
N SER A 416 9.80 -10.86 15.53
CA SER A 416 8.36 -10.67 15.65
C SER A 416 7.90 -9.60 14.68
N GLY A 417 6.60 -9.61 14.37
CA GLY A 417 6.05 -8.69 13.40
C GLY A 417 5.33 -9.42 12.29
N PRO A 418 4.74 -8.67 11.36
CA PRO A 418 3.80 -9.16 10.33
C PRO A 418 4.34 -10.29 9.47
N SER A 419 5.64 -10.27 9.20
CA SER A 419 6.27 -11.28 8.35
C SER A 419 6.30 -12.65 9.01
N LEU A 420 6.29 -12.69 10.33
CA LEU A 420 6.40 -13.94 11.07
C LEU A 420 5.41 -14.98 10.53
N SER A 422 3.07 -18.56 10.60
CA SER A 422 1.94 -18.91 11.45
C SER A 422 2.34 -20.08 12.33
N GLY A 423 3.35 -20.80 11.87
CA GLY A 423 3.87 -21.98 12.54
C GLY A 423 4.20 -23.04 11.51
N TYR A 424 4.66 -24.19 11.97
CA TYR A 424 4.97 -25.30 11.08
C TYR A 424 3.70 -26.06 10.78
N PHE A 425 3.51 -26.39 9.50
CA PHE A 425 2.30 -27.05 9.04
C PHE A 425 2.00 -28.35 9.77
N GLY A 426 0.87 -28.39 10.46
CA GLY A 426 0.50 -29.57 11.22
C GLY A 426 0.92 -29.50 12.67
N ASP A 427 2.00 -28.76 12.93
CA ASP A 427 2.49 -28.57 14.30
C ASP A 427 1.56 -27.65 15.09
N GLN A 428 0.82 -28.20 16.04
CA GLN A 428 -0.09 -27.38 16.87
C GLN A 428 0.71 -26.53 17.88
N VAL A 429 1.69 -27.15 18.55
CA VAL A 429 2.56 -26.44 19.49
C VAL A 429 3.14 -25.16 18.90
N SER A 430 3.77 -25.31 17.73
CA SER A 430 4.39 -24.22 16.99
C SER A 430 3.42 -23.06 16.69
N GLN A 431 2.22 -23.39 16.25
CA GLN A 431 1.23 -22.37 15.95
C GLN A 431 0.74 -21.75 17.25
N ASP A 432 0.56 -22.57 18.27
CA ASP A 432 0.03 -22.08 19.54
C ASP A 432 0.97 -21.04 20.16
N GLU A 433 2.26 -21.34 20.22
CA GLU A 433 3.25 -20.45 20.83
C GLU A 433 3.32 -19.09 20.13
N ILE A 434 3.31 -19.14 18.80
CA ILE A 434 3.42 -17.93 18.00
C ILE A 434 2.16 -17.08 18.19
N ALA A 435 1.00 -17.73 18.13
CA ALA A 435 -0.28 -17.08 18.40
C ALA A 435 -0.32 -16.40 19.79
N ALA A 436 0.29 -17.07 20.76
CA ALA A 436 0.33 -16.60 22.15
C ALA A 436 1.32 -15.44 22.40
N THR A 437 2.60 -15.66 22.13
CA THR A 437 3.61 -14.64 22.42
C THR A 437 3.82 -13.63 21.29
N GLY A 438 3.73 -14.08 20.05
CA GLY A 438 4.01 -13.21 18.92
C GLY A 438 5.49 -13.18 18.60
N TRP A 439 6.26 -13.97 19.36
CA TRP A 439 7.71 -14.08 19.18
C TRP A 439 8.12 -15.45 18.69
N LEU A 440 9.24 -15.48 17.97
CA LEU A 440 9.82 -16.73 17.56
C LEU A 440 11.29 -16.69 17.88
N ASP A 441 11.80 -17.78 18.45
CA ASP A 441 13.23 -17.97 18.64
C ASP A 441 13.83 -18.60 17.38
N THR A 442 14.69 -17.87 16.68
CA THR A 442 15.21 -18.33 15.40
C THR A 442 16.25 -19.44 15.52
N GLY A 443 16.78 -19.63 16.73
CA GLY A 443 17.82 -20.63 16.90
C GLY A 443 19.16 -20.14 16.40
N ASP A 444 19.27 -18.82 16.22
CA ASP A 444 20.55 -18.21 15.86
C ASP A 444 21.13 -17.40 17.02
N LEU A 445 22.45 -17.39 17.10
CA LEU A 445 23.15 -16.60 18.11
C LEU A 445 23.60 -15.25 17.53
N GLY A 446 23.51 -14.23 18.36
CA GLY A 446 23.91 -12.91 17.94
C GLY A 446 23.84 -11.93 19.09
N TYR A 447 24.01 -10.65 18.78
CA TYR A 447 23.94 -9.61 19.78
C TYR A 447 23.64 -8.31 19.07
N LEU A 448 23.16 -7.30 19.79
CA LEU A 448 22.97 -5.99 19.20
C LEU A 448 24.10 -5.02 19.58
N LEU A 449 24.36 -4.06 18.71
CA LEU A 449 25.21 -2.95 19.07
C LEU A 449 24.64 -1.76 18.34
N ASP A 450 24.25 -0.73 19.09
CA ASP A 450 23.58 0.44 18.53
C ASP A 450 22.50 -0.01 17.57
N GLY A 451 21.74 -1.00 18.00
CA GLY A 451 20.53 -1.40 17.30
C GLY A 451 20.74 -2.25 16.07
N TYR A 452 22.00 -2.45 15.71
CA TYR A 452 22.35 -3.31 14.60
C TYR A 452 22.54 -4.75 15.08
N LEU A 453 22.11 -5.70 14.27
CA LEU A 453 22.21 -7.11 14.61
C LEU A 453 23.53 -7.70 14.11
N TYR A 454 24.21 -8.44 14.97
CA TYR A 454 25.39 -9.17 14.56
C TYR A 454 25.16 -10.68 14.67
N VAL A 455 25.04 -11.35 13.53
CA VAL A 455 24.73 -12.77 13.56
C VAL A 455 26.01 -13.57 13.65
N THR A 456 26.15 -14.37 14.70
CA THR A 456 27.40 -15.09 14.91
C THR A 456 27.39 -16.56 14.46
N GLY A 457 26.20 -17.17 14.44
CA GLY A 457 26.04 -18.56 14.04
C GLY A 457 24.77 -19.21 14.59
N ARG A 458 24.60 -20.51 14.31
CA ARG A 458 23.45 -21.27 14.82
C ARG A 458 23.76 -21.89 16.17
N ILE A 459 22.78 -21.89 17.07
CA ILE A 459 22.91 -22.55 18.38
C ILE A 459 23.26 -24.02 18.19
N LYS A 460 22.57 -24.66 17.24
CA LYS A 460 22.83 -26.04 16.85
C LYS A 460 24.31 -26.30 16.52
N ASP A 461 24.94 -25.38 15.79
CA ASP A 461 26.33 -25.56 15.33
C ASP A 461 27.38 -25.26 16.38
N LEU A 462 27.01 -24.55 17.42
CA LEU A 462 27.99 -24.09 18.41
C LEU A 462 28.68 -25.24 19.09
N ILE A 463 30.01 -25.16 19.19
CA ILE A 463 30.81 -26.16 19.89
C ILE A 463 30.85 -25.86 21.39
N ILE A 464 30.08 -26.61 22.16
CA ILE A 464 30.03 -26.38 23.61
C ILE A 464 30.85 -27.39 24.38
N ILE A 465 31.95 -26.92 24.94
CA ILE A 465 32.79 -27.75 25.79
C ILE A 465 32.77 -27.16 27.20
N ARG A 466 33.55 -27.75 28.10
CA ARG A 466 33.53 -27.32 29.50
C ARG A 466 33.88 -25.86 29.64
N GLY A 467 32.90 -25.05 30.06
CA GLY A 467 33.17 -23.68 30.42
C GLY A 467 33.51 -22.70 29.30
N ARG A 468 33.58 -23.16 28.05
CA ARG A 468 33.64 -22.22 26.94
C ARG A 468 33.07 -22.73 25.63
N ASN A 469 32.59 -21.81 24.81
CA ASN A 469 32.01 -22.13 23.52
C ASN A 469 32.96 -21.72 22.42
N ILE A 470 33.09 -22.56 21.39
CA ILE A 470 33.87 -22.19 20.21
C ILE A 470 33.00 -22.19 18.95
N TRP A 471 33.12 -21.16 18.12
CA TRP A 471 32.40 -21.13 16.85
C TRP A 471 33.05 -21.99 15.77
N PRO A 472 32.39 -23.09 15.39
CA PRO A 472 32.97 -24.10 14.50
C PRO A 472 33.69 -23.47 13.32
N GLN A 473 33.17 -22.36 12.83
CA GLN A 473 33.73 -21.68 11.67
C GLN A 473 35.09 -21.02 11.94
N ASP A 474 35.38 -20.72 13.21
CA ASP A 474 36.68 -20.16 13.59
C ASP A 474 37.77 -21.22 13.47
N ILE A 475 37.37 -22.48 13.70
CA ILE A 475 38.29 -23.60 13.59
C ILE A 475 38.39 -24.02 12.14
N GLU A 476 37.26 -24.11 11.45
CA GLU A 476 37.26 -24.49 10.03
C GLU A 476 38.11 -23.53 9.21
N TYR A 477 38.16 -22.27 9.63
CA TYR A 477 38.95 -21.27 8.95
C TYR A 477 40.39 -21.75 8.79
N ILE A 478 40.98 -22.25 9.86
CA ILE A 478 42.36 -22.74 9.80
C ILE A 478 42.54 -23.76 8.69
N ALA A 479 41.56 -24.64 8.51
CA ALA A 479 41.60 -25.60 7.42
C ALA A 479 41.53 -24.97 6.03
N GLU A 480 40.71 -23.94 5.88
CA GLU A 480 40.52 -23.29 4.58
C GLU A 480 41.73 -22.44 4.13
N GLN A 481 42.76 -22.39 4.96
CA GLN A 481 43.98 -21.67 4.62
C GLN A 481 44.81 -22.47 3.64
N GLU A 482 44.67 -23.78 3.72
CA GLU A 482 45.41 -24.64 2.82
C GLU A 482 44.84 -24.44 1.41
N PRO A 483 45.72 -24.53 0.38
CA PRO A 483 45.28 -24.23 -0.99
C PRO A 483 44.23 -25.21 -1.47
N GLU A 484 44.35 -26.46 -1.01
CA GLU A 484 43.48 -27.53 -1.49
C GLU A 484 42.08 -27.47 -0.84
N ILE A 485 42.01 -26.93 0.36
CA ILE A 485 40.75 -26.82 1.06
C ILE A 485 40.02 -25.49 0.80
N HIS A 486 38.74 -25.59 0.47
CA HIS A 486 37.89 -24.43 0.23
C HIS A 486 36.87 -24.28 1.36
N SER A 487 36.08 -23.20 1.31
CA SER A 487 35.06 -22.96 2.31
C SER A 487 33.87 -23.90 2.12
N GLY A 488 33.51 -24.61 3.18
CA GLY A 488 32.44 -25.58 3.07
C GLY A 488 32.99 -26.98 3.01
N ASP A 489 34.26 -27.09 2.61
CA ASP A 489 34.94 -28.36 2.57
C ASP A 489 35.17 -28.89 3.97
N ALA A 490 35.25 -27.99 4.95
CA ALA A 490 35.57 -28.37 6.31
C ALA A 490 34.41 -28.15 7.27
N ILE A 491 34.13 -29.18 8.09
CA ILE A 491 33.09 -29.15 9.09
C ILE A 491 33.66 -29.47 10.47
N ALA A 492 33.33 -28.66 11.46
CA ALA A 492 33.76 -28.90 12.82
C ALA A 492 32.57 -29.09 13.76
N PHE A 493 32.71 -30.01 14.69
CA PHE A 493 31.70 -30.22 15.71
C PHE A 493 32.31 -30.99 16.88
N VAL A 494 31.59 -31.05 17.99
CA VAL A 494 32.08 -31.78 19.14
C VAL A 494 31.26 -33.05 19.35
N THR A 495 31.96 -34.17 19.51
CA THR A 495 31.33 -35.46 19.72
C THR A 495 30.69 -35.51 21.10
N ALA A 496 29.81 -36.47 21.32
CA ALA A 496 29.13 -36.56 22.61
C ALA A 496 30.09 -36.99 23.73
N GLN A 497 31.26 -37.50 23.34
CA GLN A 497 32.32 -37.84 24.29
C GLN A 497 33.24 -36.65 24.55
N GLU A 498 32.80 -35.48 24.08
CA GLU A 498 33.53 -34.24 24.20
C GLU A 498 34.86 -34.17 23.42
N LYS A 499 34.99 -34.99 22.38
CA LYS A 499 36.15 -34.94 21.49
C LYS A 499 35.80 -34.10 20.27
N ILE A 500 36.65 -33.13 19.92
CA ILE A 500 36.37 -32.24 18.79
C ILE A 500 36.82 -32.83 17.46
N ILE A 501 35.89 -33.04 16.54
CA ILE A 501 36.27 -33.60 15.25
C ILE A 501 36.21 -32.52 14.17
N LEU A 502 37.21 -32.51 13.30
CA LEU A 502 37.15 -31.69 12.10
C LEU A 502 37.16 -32.58 10.87
N GLN A 503 36.06 -32.61 10.13
CA GLN A 503 36.00 -33.39 8.90
C GLN A 503 36.33 -32.51 7.70
N ILE A 504 37.14 -33.03 6.80
CA ILE A 504 37.53 -32.32 5.59
C ILE A 504 37.36 -33.22 4.37
N GLN A 505 36.49 -32.80 3.46
CA GLN A 505 36.32 -33.51 2.21
C GLN A 505 37.28 -32.84 1.24
N CYS A 506 38.11 -33.64 0.60
CA CYS A 506 39.15 -33.09 -0.26
C CYS A 506 39.64 -34.04 -1.34
N ARG A 507 40.28 -33.47 -2.35
CA ARG A 507 40.79 -34.21 -3.49
C ARG A 507 42.30 -34.50 -3.39
N ILE A 508 42.84 -34.45 -2.18
CA ILE A 508 44.28 -34.68 -2.00
C ILE A 508 44.60 -36.16 -2.11
N SER A 509 45.25 -36.55 -3.20
CA SER A 509 45.55 -37.95 -3.44
C SER A 509 46.88 -38.37 -2.82
N ASP A 510 47.88 -37.51 -2.94
CA ASP A 510 49.21 -37.79 -2.40
C ASP A 510 49.12 -38.14 -0.92
N GLU A 511 49.52 -39.36 -0.57
CA GLU A 511 49.43 -39.88 0.79
C GLU A 511 50.41 -39.17 1.72
N GLU A 512 51.52 -38.72 1.15
CA GLU A 512 52.51 -37.94 1.86
C GLU A 512 51.93 -36.58 2.33
N ARG A 513 51.22 -35.91 1.42
CA ARG A 513 50.59 -34.63 1.74
C ARG A 513 49.48 -34.77 2.76
N ARG A 514 48.69 -35.84 2.64
CA ARG A 514 47.62 -36.08 3.59
C ARG A 514 48.16 -36.12 5.01
N GLY A 515 49.12 -37.00 5.26
CA GLY A 515 49.72 -37.09 6.57
C GLY A 515 50.31 -35.76 7.02
N GLN A 516 50.97 -35.10 6.08
CA GLN A 516 51.63 -33.83 6.34
C GLN A 516 50.64 -32.76 6.80
N LEU A 517 49.55 -32.62 6.06
CA LEU A 517 48.53 -31.62 6.36
C LEU A 517 47.72 -31.94 7.62
N ILE A 518 47.46 -33.23 7.87
CA ILE A 518 46.77 -33.65 9.10
C ILE A 518 47.58 -33.26 10.32
N HIS A 519 48.87 -33.56 10.30
CA HIS A 519 49.74 -33.26 11.43
C HIS A 519 49.92 -31.75 11.64
N ALA A 520 50.05 -31.02 10.53
CA ALA A 520 50.21 -29.57 10.57
C ALA A 520 48.95 -28.86 11.09
N LEU A 521 47.80 -29.34 10.66
CA LEU A 521 46.50 -28.81 11.05
C LEU A 521 46.21 -29.06 12.53
N ALA A 522 46.48 -30.28 12.98
CA ALA A 522 46.31 -30.62 14.40
C ALA A 522 47.08 -29.63 15.24
N ALA A 523 48.36 -29.46 14.92
CA ALA A 523 49.23 -28.55 15.63
C ALA A 523 48.70 -27.13 15.60
N ARG A 524 48.38 -26.66 14.40
CA ARG A 524 47.98 -25.27 14.21
C ARG A 524 46.73 -24.90 15.02
N ILE A 525 45.83 -25.86 15.18
CA ILE A 525 44.60 -25.64 15.95
C ILE A 525 44.84 -25.73 17.45
N GLN A 526 45.77 -26.59 17.88
CA GLN A 526 46.05 -26.69 19.31
C GLN A 526 46.83 -25.47 19.76
N SER A 527 47.52 -24.87 18.81
CA SER A 527 48.21 -23.62 19.09
C SER A 527 47.18 -22.52 19.24
N GLU A 528 46.44 -22.29 18.17
CA GLU A 528 45.46 -21.22 18.09
C GLU A 528 44.36 -21.29 19.14
N PHE A 529 43.89 -22.49 19.45
CA PHE A 529 42.63 -22.66 20.21
C PHE A 529 42.76 -23.38 21.56
N GLY A 530 43.87 -24.06 21.78
CA GLY A 530 44.08 -24.72 23.06
C GLY A 530 43.22 -25.96 23.17
N VAL A 531 42.88 -26.49 21.99
CA VAL A 531 42.02 -27.64 21.89
C VAL A 531 42.62 -28.58 20.86
N THR A 532 42.58 -29.89 21.13
CA THR A 532 43.13 -30.84 20.17
C THR A 532 42.02 -31.45 19.31
N ALA A 533 42.15 -31.30 18.00
CA ALA A 533 41.11 -31.73 17.07
C ALA A 533 41.54 -32.95 16.27
N ALA A 534 40.57 -33.81 15.97
CA ALA A 534 40.82 -35.02 15.19
C ALA A 534 40.49 -34.76 13.73
N ILE A 535 41.54 -34.63 12.92
CA ILE A 535 41.38 -34.37 11.49
C ILE A 535 40.83 -35.60 10.75
N ASP A 536 39.71 -35.45 10.07
CA ASP A 536 39.11 -36.55 9.31
C ASP A 536 39.13 -36.22 7.83
N LEU A 537 40.06 -36.80 7.08
CA LEU A 537 40.10 -36.57 5.64
C LEU A 537 39.11 -37.48 4.91
N LEU A 538 38.13 -36.88 4.24
CA LEU A 538 37.10 -37.66 3.53
C LEU A 538 37.23 -37.50 2.03
N PRO A 539 36.48 -38.31 1.28
CA PRO A 539 36.43 -38.23 -0.18
C PRO A 539 35.47 -37.11 -0.61
N PRO A 540 35.65 -36.58 -1.82
CA PRO A 540 34.69 -35.58 -2.27
C PRO A 540 33.63 -36.23 -3.16
N HIS A 541 32.40 -35.73 -3.11
CA HIS A 541 31.98 -34.80 -2.07
C HIS A 541 31.20 -35.67 -1.09
N SER A 542 31.68 -35.76 0.13
CA SER A 542 31.25 -36.83 1.02
C SER A 542 30.41 -36.38 2.22
N ILE A 543 30.21 -35.06 2.36
CA ILE A 543 29.57 -34.48 3.56
C ILE A 543 28.22 -33.74 3.41
N PRO A 544 27.60 -33.75 2.20
CA PRO A 544 26.57 -32.83 1.71
C PRO A 544 25.81 -31.91 2.70
N ARG A 545 25.01 -31.03 2.12
CA ARG A 545 24.34 -29.95 2.87
C ARG A 545 22.96 -30.30 3.44
N THR A 546 22.33 -29.31 4.09
CA THR A 546 20.97 -29.44 4.59
C THR A 546 19.97 -29.00 3.53
N SER A 547 18.69 -29.01 3.88
CA SER A 547 17.65 -28.68 2.92
C SER A 547 17.60 -27.17 2.62
N SER A 548 18.20 -26.36 3.50
CA SER A 548 18.29 -24.90 3.30
C SER A 548 19.55 -24.48 2.53
N GLY A 549 20.37 -25.46 2.17
CA GLY A 549 21.55 -25.24 1.34
C GLY A 549 22.81 -24.82 2.09
N LYS A 550 22.86 -25.10 3.39
CA LYS A 550 24.02 -24.78 4.22
C LYS A 550 24.77 -26.06 4.67
N PRO A 551 25.91 -25.92 5.39
CA PRO A 551 26.64 -27.13 5.80
C PRO A 551 25.93 -27.86 6.93
N ALA A 552 25.57 -29.11 6.72
CA ALA A 552 24.87 -29.87 7.75
C ALA A 552 25.83 -30.25 8.88
N ARG A 553 26.28 -29.27 9.63
CA ARG A 553 27.17 -29.54 10.75
C ARG A 553 26.51 -30.48 11.72
N ALA A 554 25.33 -30.10 12.20
CA ALA A 554 24.62 -30.90 13.19
C ALA A 554 24.31 -32.29 12.65
N GLU A 555 24.01 -32.37 11.35
CA GLU A 555 23.71 -33.65 10.72
C GLU A 555 24.95 -34.53 10.69
N ALA A 556 26.08 -33.96 10.29
CA ALA A 556 27.35 -34.67 10.31
C ALA A 556 27.72 -35.12 11.72
N LYS A 557 27.37 -34.31 12.73
CA LYS A 557 27.66 -34.63 14.12
C LYS A 557 26.97 -35.92 14.58
N LYS A 558 25.76 -36.15 14.10
CA LYS A 558 25.03 -37.35 14.49
C LYS A 558 25.42 -38.54 13.63
N ARG A 559 25.57 -38.33 12.33
CA ARG A 559 26.11 -39.36 11.45
C ARG A 559 27.32 -40.00 12.11
N TYR A 560 28.23 -39.15 12.57
CA TYR A 560 29.46 -39.58 13.22
C TYR A 560 29.15 -40.31 14.54
N GLN A 561 28.26 -39.71 15.35
CA GLN A 561 27.84 -40.29 16.63
C GLN A 561 27.22 -41.69 16.48
N LYS A 562 26.22 -41.78 15.62
CA LYS A 562 25.62 -43.05 15.25
C LYS A 562 26.67 -44.05 14.75
N ALA A 563 27.58 -43.58 13.89
CA ALA A 563 28.66 -44.43 13.39
C ALA A 563 29.53 -45.00 14.51
N TYR A 564 29.97 -44.11 15.41
CA TYR A 564 30.89 -44.47 16.49
C TYR A 564 30.28 -45.44 17.51
N ALA A 565 28.96 -45.39 17.66
CA ALA A 565 28.27 -46.34 18.53
C ALA A 565 28.37 -47.77 17.99
N ALA A 566 28.76 -47.91 16.73
CA ALA A 566 29.13 -49.21 16.17
C ALA A 566 30.57 -49.56 16.55
N SER A 567 30.84 -49.61 17.85
CA SER A 567 32.16 -49.96 18.37
C SER A 567 32.03 -51.03 19.45
N LEU B 12 -4.69 -4.91 13.61
CA LEU B 12 -5.52 -5.19 12.43
C LEU B 12 -5.00 -4.49 11.17
N PRO B 13 -4.58 -5.29 10.17
CA PRO B 13 -4.04 -4.79 8.91
C PRO B 13 -4.91 -3.69 8.32
N ARG B 15 -6.52 -1.57 5.50
CA ARG B 15 -6.91 -1.85 4.12
C ARG B 15 -7.43 -0.60 3.41
N TYR B 16 -6.97 -0.36 2.19
CA TYR B 16 -7.23 0.90 1.51
C TYR B 16 -8.48 0.83 0.62
N ALA B 17 -9.63 0.70 1.27
CA ALA B 17 -10.90 0.56 0.55
C ALA B 17 -10.85 -0.57 -0.49
N ASP B 18 -10.07 -1.61 -0.19
CA ASP B 18 -9.89 -2.78 -1.06
C ASP B 18 -11.15 -3.62 -1.32
N PHE B 19 -12.29 -3.25 -0.71
CA PHE B 19 -13.49 -4.09 -0.71
C PHE B 19 -14.44 -3.80 -1.86
N PRO B 20 -15.19 -4.82 -2.30
CA PRO B 20 -16.04 -4.72 -3.49
C PRO B 20 -17.26 -3.85 -3.27
N THR B 21 -17.79 -3.80 -2.05
CA THR B 21 -19.03 -3.07 -1.80
C THR B 21 -18.94 -2.41 -0.44
N LEU B 22 -19.82 -1.45 -0.17
CA LEU B 22 -19.78 -0.70 1.09
C LEU B 22 -20.03 -1.60 2.29
N VAL B 23 -20.81 -2.65 2.07
CA VAL B 23 -21.07 -3.63 3.11
C VAL B 23 -19.83 -4.46 3.44
N ASP B 24 -19.11 -4.91 2.41
CA ASP B 24 -17.86 -5.61 2.66
C ASP B 24 -16.92 -4.71 3.46
N ALA B 25 -16.87 -3.43 3.13
CA ALA B 25 -15.95 -2.50 3.79
C ALA B 25 -16.26 -2.34 5.27
N LEU B 26 -17.54 -2.26 5.62
CA LEU B 26 -17.96 -2.10 7.02
C LEU B 26 -17.68 -3.37 7.81
N ASP B 27 -18.05 -4.51 7.23
CA ASP B 27 -17.83 -5.80 7.86
C ASP B 27 -16.41 -5.82 8.41
N TYR B 28 -15.46 -5.39 7.59
CA TYR B 28 -14.06 -5.35 7.97
C TYR B 28 -13.80 -4.32 9.08
N ALA B 29 -14.29 -3.09 8.86
CA ALA B 29 -14.15 -2.02 9.86
C ALA B 29 -14.59 -2.51 11.23
N ALA B 30 -15.64 -3.34 11.24
CA ALA B 30 -16.22 -3.92 12.46
C ALA B 30 -15.18 -4.71 13.28
N LEU B 31 -14.07 -5.07 12.63
CA LEU B 31 -13.03 -5.87 13.26
C LEU B 31 -11.94 -4.98 13.84
N SER B 32 -12.08 -3.68 13.61
CA SER B 32 -11.16 -2.70 14.19
C SER B 32 -11.82 -2.06 15.40
N SER B 33 -11.01 -1.49 16.28
CA SER B 33 -11.54 -0.85 17.47
C SER B 33 -11.84 0.60 17.14
N ALA B 34 -12.10 0.88 15.88
CA ALA B 34 -12.30 2.24 15.42
C ALA B 34 -13.78 2.65 15.39
N GLY B 35 -14.01 3.95 15.32
CA GLY B 35 -15.37 4.44 15.17
C GLY B 35 -15.47 5.95 15.04
N ASN B 37 -17.12 9.75 16.56
CA ASN B 37 -17.43 10.46 17.78
C ASN B 37 -18.09 11.78 17.43
N PHE B 38 -19.27 12.02 18.00
CA PHE B 38 -20.02 13.22 17.72
C PHE B 38 -19.89 14.22 18.86
N TYR B 39 -19.53 15.47 18.52
CA TYR B 39 -19.25 16.48 19.51
C TYR B 39 -20.25 17.62 19.49
N ASP B 40 -20.56 18.17 20.66
CA ASP B 40 -21.28 19.44 20.75
C ASP B 40 -20.36 20.64 20.42
N ARG B 41 -20.91 21.84 20.43
CA ARG B 41 -20.15 23.02 19.99
C ARG B 41 -19.22 23.57 21.07
N ARG B 42 -19.11 22.86 22.18
CA ARG B 42 -18.13 23.17 23.21
C ARG B 42 -16.99 22.14 23.21
N CYS B 43 -17.15 21.12 22.38
CA CYS B 43 -16.18 20.03 22.24
C CYS B 43 -16.27 19.01 23.35
N GLN B 44 -17.49 18.69 23.76
CA GLN B 44 -17.71 17.60 24.69
C GLN B 44 -18.30 16.43 23.93
N LEU B 45 -17.85 15.22 24.25
CA LEU B 45 -18.34 14.02 23.59
C LEU B 45 -19.85 13.88 23.75
N GLU B 46 -20.59 13.99 22.66
CA GLU B 46 -22.05 13.97 22.74
C GLU B 46 -22.60 12.57 22.54
N ASP B 47 -22.00 11.82 21.61
CA ASP B 47 -22.39 10.45 21.31
C ASP B 47 -21.22 9.71 20.66
N GLN B 48 -21.29 8.39 20.65
CA GLN B 48 -20.24 7.58 20.03
C GLN B 48 -20.78 6.36 19.29
N LEU B 49 -20.12 6.02 18.19
CA LEU B 49 -20.52 4.91 17.33
C LEU B 49 -19.27 4.17 16.89
N GLU B 50 -19.06 2.95 17.39
CA GLU B 50 -17.94 2.15 16.92
C GLU B 50 -18.33 1.39 15.66
N TYR B 51 -17.40 1.28 14.72
CA TYR B 51 -17.68 0.52 13.51
C TYR B 51 -18.14 -0.88 13.88
N GLN B 52 -17.60 -1.42 14.97
CA GLN B 52 -18.08 -2.70 15.49
C GLN B 52 -19.59 -2.68 15.76
N THR B 53 -20.03 -1.67 16.52
CA THR B 53 -21.44 -1.51 16.87
C THR B 53 -22.26 -1.09 15.67
N LEU B 54 -21.65 -0.31 14.78
CA LEU B 54 -22.35 0.12 13.58
C LEU B 54 -22.82 -1.07 12.75
N LYS B 55 -21.96 -2.09 12.62
CA LYS B 55 -22.35 -3.30 11.90
C LYS B 55 -23.59 -3.99 12.51
N ALA B 56 -23.63 -4.10 13.84
CA ALA B 56 -24.78 -4.70 14.52
C ALA B 56 -26.07 -3.93 14.18
N ARG B 57 -26.06 -2.64 14.49
CA ARG B 57 -27.21 -1.78 14.26
C ARG B 57 -27.57 -1.71 12.78
N ALA B 58 -26.55 -1.65 11.92
CA ALA B 58 -26.83 -1.55 10.50
C ALA B 58 -27.62 -2.76 10.03
N GLU B 59 -27.23 -3.94 10.50
CA GLU B 59 -27.87 -5.20 10.13
C GLU B 59 -29.30 -5.28 10.67
N ALA B 60 -29.44 -5.00 11.95
CA ALA B 60 -30.76 -4.98 12.57
C ALA B 60 -31.66 -4.08 11.75
N GLY B 61 -31.27 -2.81 11.66
CA GLY B 61 -32.02 -1.81 10.92
C GLY B 61 -32.28 -2.27 9.49
N ALA B 62 -31.33 -3.01 8.93
CA ALA B 62 -31.49 -3.55 7.60
C ALA B 62 -32.73 -4.43 7.54
N LYS B 63 -32.88 -5.32 8.51
CA LYS B 63 -34.01 -6.25 8.56
C LYS B 63 -35.34 -5.57 8.91
N ARG B 64 -35.30 -4.58 9.80
CA ARG B 64 -36.49 -3.83 10.13
C ARG B 64 -37.09 -3.18 8.88
N LEU B 65 -36.23 -2.69 7.99
CA LEU B 65 -36.69 -2.09 6.74
C LEU B 65 -37.33 -3.10 5.79
N LEU B 66 -36.82 -4.32 5.82
CA LEU B 66 -37.31 -5.33 4.91
C LEU B 66 -38.69 -5.86 5.31
N SER B 67 -39.06 -5.62 6.56
CA SER B 67 -40.36 -6.05 7.06
C SER B 67 -41.46 -5.09 6.61
N LEU B 68 -41.08 -4.01 5.93
CA LEU B 68 -42.04 -3.15 5.26
C LEU B 68 -42.29 -3.71 3.87
N ASN B 69 -41.85 -4.96 3.69
CA ASN B 69 -41.89 -5.66 2.41
C ASN B 69 -41.25 -4.88 1.26
N LEU B 70 -40.14 -4.23 1.54
CA LEU B 70 -39.40 -3.49 0.53
C LEU B 70 -38.54 -4.42 -0.32
N LYS B 71 -38.33 -4.04 -1.58
CA LYS B 71 -37.60 -4.87 -2.52
C LYS B 71 -36.27 -4.22 -2.89
N LYS B 72 -35.26 -5.04 -3.16
CA LYS B 72 -33.95 -4.53 -3.57
C LYS B 72 -34.08 -3.47 -4.69
N GLY B 73 -33.21 -2.47 -4.63
CA GLY B 73 -33.24 -1.39 -5.61
C GLY B 73 -34.17 -0.27 -5.19
N ASP B 74 -35.17 -0.59 -4.36
CA ASP B 74 -36.08 0.40 -3.81
C ASP B 74 -35.30 1.50 -3.11
N ARG B 75 -35.88 2.70 -3.03
CA ARG B 75 -35.14 3.86 -2.55
C ARG B 75 -35.67 4.44 -1.23
N VAL B 76 -34.75 4.86 -0.38
CA VAL B 76 -35.09 5.30 0.97
C VAL B 76 -34.45 6.64 1.23
N ALA B 77 -35.27 7.67 1.38
CA ALA B 77 -34.80 9.01 1.67
C ALA B 77 -34.39 9.11 3.12
N LEU B 78 -33.34 9.85 3.40
CA LEU B 78 -32.84 10.04 4.75
C LEU B 78 -32.47 11.50 5.00
N ILE B 79 -33.09 12.12 6.00
CA ILE B 79 -32.69 13.46 6.43
C ILE B 79 -31.26 13.39 6.99
N ALA B 80 -30.33 14.09 6.34
CA ALA B 80 -28.90 13.89 6.55
C ALA B 80 -28.30 14.65 7.73
N GLU B 81 -28.84 14.43 8.92
CA GLU B 81 -28.27 15.05 10.12
C GLU B 81 -26.94 14.41 10.50
N THR B 82 -26.10 15.14 11.20
CA THR B 82 -24.88 14.55 11.69
C THR B 82 -25.19 13.83 12.99
N SER B 83 -25.36 12.52 12.92
CA SER B 83 -25.80 11.75 14.07
C SER B 83 -25.73 10.26 13.80
N SER B 84 -25.55 9.49 14.86
CA SER B 84 -25.62 8.03 14.79
C SER B 84 -26.86 7.58 14.02
N GLU B 85 -28.02 8.09 14.41
CA GLU B 85 -29.27 7.75 13.77
C GLU B 85 -29.10 7.69 12.26
N PHE B 86 -28.56 8.75 11.70
CA PHE B 86 -28.37 8.81 10.26
C PHE B 86 -27.32 7.82 9.77
N VAL B 87 -26.17 7.80 10.44
CA VAL B 87 -25.13 6.86 10.06
C VAL B 87 -25.65 5.43 10.04
N GLU B 88 -26.40 5.05 11.08
CA GLU B 88 -26.99 3.70 11.14
C GLU B 88 -28.03 3.49 10.04
N ALA B 89 -28.90 4.46 9.86
CA ALA B 89 -29.97 4.30 8.90
C ALA B 89 -29.40 4.20 7.49
N PHE B 90 -28.28 4.88 7.25
CA PHE B 90 -27.68 4.89 5.92
C PHE B 90 -27.12 3.51 5.58
N PHE B 91 -26.47 2.87 6.55
CA PHE B 91 -25.93 1.53 6.34
C PHE B 91 -26.95 0.42 6.45
N ALA B 92 -28.01 0.66 7.22
CA ALA B 92 -29.15 -0.24 7.19
C ALA B 92 -29.55 -0.41 5.73
N CYS B 93 -29.67 0.71 5.02
CA CYS B 93 -29.99 0.70 3.59
C CYS B 93 -29.09 -0.21 2.80
N GLN B 94 -27.79 -0.05 2.96
CA GLN B 94 -26.80 -0.80 2.21
C GLN B 94 -26.93 -2.29 2.42
N TYR B 95 -26.96 -2.72 3.69
CA TYR B 95 -27.09 -4.13 4.00
C TYR B 95 -28.38 -4.70 3.44
N ALA B 96 -29.42 -3.87 3.41
CA ALA B 96 -30.73 -4.28 2.91
C ALA B 96 -30.85 -4.31 1.38
N GLY B 97 -29.77 -3.94 0.70
CA GLY B 97 -29.78 -3.83 -0.75
C GLY B 97 -30.65 -2.70 -1.26
N LEU B 98 -30.88 -1.70 -0.40
CA LEU B 98 -31.73 -0.55 -0.72
C LEU B 98 -30.89 0.66 -1.10
N VAL B 99 -31.47 1.56 -1.89
CA VAL B 99 -30.75 2.72 -2.38
C VAL B 99 -30.97 3.90 -1.46
N ALA B 100 -29.91 4.30 -0.75
CA ALA B 100 -29.98 5.41 0.18
C ALA B 100 -30.00 6.73 -0.56
N VAL B 101 -30.93 7.61 -0.20
CA VAL B 101 -31.00 8.91 -0.82
C VAL B 101 -30.94 9.98 0.26
N PRO B 102 -29.74 10.46 0.59
CA PRO B 102 -29.52 11.46 1.65
C PRO B 102 -30.08 12.81 1.25
N LEU B 103 -30.66 13.53 2.21
CA LEU B 103 -31.29 14.83 1.95
C LEU B 103 -30.91 15.88 2.99
N ALA B 104 -30.89 17.15 2.56
CA ALA B 104 -30.53 18.26 3.45
C ALA B 104 -31.51 18.52 4.58
N ILE B 105 -30.99 18.93 5.73
CA ILE B 105 -31.81 19.46 6.81
C ILE B 105 -32.46 20.72 6.26
N PRO B 106 -33.73 20.98 6.63
CA PRO B 106 -34.50 22.13 6.12
C PRO B 106 -33.84 23.53 6.25
N SER B 114 -39.95 26.62 0.64
CA SER B 114 -38.89 26.35 -0.34
C SER B 114 -38.41 24.91 -0.20
N TRP B 115 -38.08 24.50 1.02
CA TRP B 115 -37.61 23.15 1.30
C TRP B 115 -38.69 22.13 0.93
N SER B 116 -39.86 22.25 1.54
CA SER B 116 -40.99 21.36 1.24
C SER B 116 -41.31 21.39 -0.25
N ALA B 117 -40.96 22.49 -0.89
CA ALA B 117 -41.05 22.60 -2.34
C ALA B 117 -40.07 21.60 -2.95
N LYS B 118 -38.78 21.77 -2.65
CA LYS B 118 -37.74 20.88 -3.15
C LYS B 118 -38.04 19.40 -2.86
N LEU B 119 -38.70 19.15 -1.72
CA LEU B 119 -39.00 17.79 -1.32
C LEU B 119 -39.94 17.11 -2.30
N GLN B 120 -40.79 17.87 -2.96
CA GLN B 120 -41.69 17.25 -3.93
C GLN B 120 -40.96 16.94 -5.22
N GLY B 121 -40.18 17.90 -5.71
CA GLY B 121 -39.35 17.68 -6.88
C GLY B 121 -38.41 16.51 -6.65
N LEU B 122 -37.89 16.41 -5.42
CA LEU B 122 -37.02 15.32 -5.01
C LEU B 122 -37.76 13.98 -5.02
N LEU B 123 -38.86 13.91 -4.28
CA LEU B 123 -39.70 12.71 -4.23
C LEU B 123 -40.18 12.25 -5.61
N ALA B 124 -40.75 13.17 -6.39
CA ALA B 124 -41.20 12.81 -7.72
C ALA B 124 -40.12 11.98 -8.41
N SER B 125 -38.88 12.47 -8.35
CA SER B 125 -37.79 11.89 -9.13
C SER B 125 -37.28 10.54 -8.62
N CYS B 126 -36.94 10.47 -7.34
CA CYS B 126 -36.33 9.26 -6.85
C CYS B 126 -37.37 8.21 -6.45
N GLN B 127 -38.62 8.63 -6.32
CA GLN B 127 -39.70 7.69 -6.00
C GLN B 127 -39.31 6.74 -4.86
N PRO B 128 -39.13 7.27 -3.66
CA PRO B 128 -38.69 6.45 -2.55
C PRO B 128 -39.87 5.71 -1.96
N ALA B 129 -39.61 4.61 -1.28
CA ALA B 129 -40.66 3.82 -0.61
C ALA B 129 -40.85 4.31 0.83
N ALA B 130 -39.80 4.92 1.38
CA ALA B 130 -39.83 5.36 2.77
C ALA B 130 -39.01 6.64 2.93
N ILE B 131 -39.13 7.25 4.10
CA ILE B 131 -38.27 8.36 4.45
C ILE B 131 -38.09 8.38 5.95
N ILE B 132 -36.84 8.34 6.38
CA ILE B 132 -36.52 8.31 7.80
C ILE B 132 -35.99 9.67 8.25
N THR B 133 -36.68 10.26 9.22
CA THR B 133 -36.33 11.60 9.66
C THR B 133 -36.29 11.69 11.18
N GLY B 134 -35.52 12.65 11.68
CA GLY B 134 -35.52 12.97 13.10
C GLY B 134 -36.90 13.46 13.48
N ASP B 135 -37.20 13.46 14.78
CA ASP B 135 -38.50 13.90 15.26
C ASP B 135 -38.84 15.32 14.81
N GLU B 136 -37.85 16.21 14.89
CA GLU B 136 -38.05 17.63 14.62
C GLU B 136 -38.78 17.91 13.31
N TRP B 137 -38.36 17.21 12.26
CA TRP B 137 -38.85 17.46 10.92
C TRP B 137 -40.05 16.56 10.59
N LEU B 138 -40.50 15.81 11.58
CA LEU B 138 -41.59 14.86 11.35
C LEU B 138 -42.87 15.55 10.89
N PRO B 139 -43.29 16.62 11.59
CA PRO B 139 -44.42 17.41 11.12
C PRO B 139 -44.16 17.96 9.72
N LEU B 140 -43.04 18.65 9.58
CA LEU B 140 -42.67 19.23 8.30
C LEU B 140 -42.78 18.21 7.17
N VAL B 141 -42.21 17.03 7.40
CA VAL B 141 -42.24 15.94 6.42
C VAL B 141 -43.65 15.50 6.10
N ASN B 142 -44.41 15.15 7.15
CA ASN B 142 -45.80 14.71 7.02
C ASN B 142 -46.63 15.58 6.08
N ALA B 143 -46.45 16.89 6.16
CA ALA B 143 -47.20 17.84 5.33
C ALA B 143 -46.83 17.81 3.85
N ALA B 144 -45.53 17.88 3.55
CA ALA B 144 -45.07 17.85 2.16
C ALA B 144 -45.32 16.47 1.53
N THR B 145 -45.71 15.53 2.37
CA THR B 145 -46.05 14.17 1.94
C THR B 145 -47.51 14.06 1.54
N HIS B 146 -48.40 14.53 2.43
CA HIS B 146 -49.84 14.31 2.36
C HIS B 146 -50.33 13.23 1.38
N ASP B 147 -50.43 13.56 0.09
CA ASP B 147 -50.98 12.61 -0.87
C ASP B 147 -50.02 11.51 -1.33
N ASN B 148 -49.06 11.18 -0.46
CA ASN B 148 -48.13 10.07 -0.70
C ASN B 148 -48.35 8.96 0.32
N PRO B 149 -49.46 8.21 0.17
CA PRO B 149 -49.81 7.12 1.10
C PRO B 149 -48.97 5.86 0.88
N GLU B 150 -48.49 5.66 -0.35
CA GLU B 150 -47.58 4.56 -0.63
C GLU B 150 -46.19 4.87 -0.06
N LEU B 151 -46.08 6.06 0.53
CA LEU B 151 -44.85 6.51 1.16
C LEU B 151 -44.91 6.22 2.66
N HIS B 152 -44.04 5.32 3.12
CA HIS B 152 -43.87 5.11 4.55
C HIS B 152 -43.13 6.32 5.08
N VAL B 153 -43.67 6.99 6.10
CA VAL B 153 -42.90 8.00 6.80
C VAL B 153 -42.50 7.46 8.16
N LEU B 154 -41.24 7.64 8.52
CA LEU B 154 -40.71 7.07 9.76
C LEU B 154 -39.86 8.08 10.50
N SER B 155 -40.12 8.21 11.79
CA SER B 155 -39.18 8.88 12.67
C SER B 155 -38.11 7.84 12.93
N HIS B 156 -36.91 8.28 13.26
CA HIS B 156 -35.86 7.34 13.60
C HIS B 156 -36.33 6.42 14.73
N ALA B 157 -37.27 6.91 15.53
CA ALA B 157 -37.83 6.11 16.62
C ALA B 157 -38.74 5.01 16.09
N TRP B 158 -39.68 5.38 15.22
CA TRP B 158 -40.58 4.40 14.62
C TRP B 158 -39.77 3.36 13.84
N PHE B 159 -38.73 3.81 13.15
CA PHE B 159 -37.83 2.91 12.43
C PHE B 159 -37.16 1.92 13.39
N LYS B 160 -36.64 2.42 14.50
CA LYS B 160 -36.03 1.59 15.53
C LYS B 160 -37.04 0.67 16.22
N ALA B 161 -38.33 0.94 16.03
CA ALA B 161 -39.39 0.15 16.63
C ALA B 161 -39.75 -1.08 15.79
N LEU B 162 -39.74 -0.91 14.47
CA LEU B 162 -40.06 -1.99 13.53
C LEU B 162 -39.47 -3.33 13.94
N PRO B 163 -40.19 -4.41 13.62
CA PRO B 163 -39.75 -5.80 13.84
C PRO B 163 -38.80 -6.28 12.75
N GLU B 164 -37.75 -7.01 13.13
CA GLU B 164 -36.81 -7.55 12.12
C GLU B 164 -37.49 -8.64 11.31
N ALA B 165 -37.72 -8.38 10.03
CA ALA B 165 -38.32 -9.36 9.14
C ALA B 165 -37.53 -10.67 9.17
N ASP B 166 -38.23 -11.80 9.20
CA ASP B 166 -37.57 -13.12 9.17
C ASP B 166 -36.94 -13.39 7.79
N VAL B 167 -35.70 -12.93 7.62
CA VAL B 167 -34.97 -13.13 6.37
C VAL B 167 -33.46 -13.07 6.62
N ALA B 168 -32.70 -13.62 5.68
CA ALA B 168 -31.24 -13.54 5.71
C ALA B 168 -30.78 -12.47 4.73
N LEU B 169 -29.86 -11.61 5.15
CA LEU B 169 -29.35 -10.58 4.25
C LEU B 169 -28.64 -11.17 3.02
N GLN B 170 -28.93 -10.62 1.86
CA GLN B 170 -28.24 -10.94 0.62
C GLN B 170 -27.09 -9.95 0.47
N ARG B 171 -25.93 -10.45 0.04
CA ARG B 171 -24.77 -9.59 -0.24
C ARG B 171 -25.07 -8.64 -1.41
N PRO B 172 -24.71 -7.36 -1.27
CA PRO B 172 -24.77 -6.52 -2.47
C PRO B 172 -23.59 -6.86 -3.37
N VAL B 173 -23.78 -6.75 -4.68
CA VAL B 173 -22.71 -6.95 -5.66
C VAL B 173 -22.30 -5.59 -6.21
N PRO B 174 -21.08 -5.47 -6.72
CA PRO B 174 -20.56 -4.15 -7.09
C PRO B 174 -21.48 -3.32 -7.99
N ASN B 175 -22.23 -3.96 -8.87
CA ASN B 175 -23.05 -3.21 -9.83
C ASN B 175 -24.39 -2.69 -9.28
N ASP B 176 -24.69 -3.03 -8.04
CA ASP B 176 -25.89 -2.53 -7.35
C ASP B 176 -25.70 -1.05 -7.02
N ILE B 177 -26.78 -0.27 -7.09
CA ILE B 177 -26.72 1.16 -6.75
C ILE B 177 -26.67 1.35 -5.23
N ALA B 178 -25.70 2.13 -4.76
CA ALA B 178 -25.54 2.34 -3.32
C ALA B 178 -26.35 3.55 -2.81
N TYR B 179 -26.34 4.63 -3.56
CA TYR B 179 -27.07 5.81 -3.16
C TYR B 179 -27.32 6.78 -4.33
N LEU B 180 -28.24 7.72 -4.15
CA LEU B 180 -28.41 8.81 -5.09
C LEU B 180 -27.96 10.11 -4.43
N GLN B 181 -27.16 10.88 -5.14
CA GLN B 181 -26.68 12.17 -4.64
C GLN B 181 -27.40 13.34 -5.34
N TYR B 182 -28.31 14.00 -4.65
CA TYR B 182 -29.16 15.00 -5.29
C TYR B 182 -28.66 16.45 -5.25
N THR B 183 -27.40 16.65 -4.90
CA THR B 183 -26.85 17.99 -4.79
C THR B 183 -26.57 18.69 -6.13
N SER B 184 -26.51 17.90 -7.20
CA SER B 184 -26.18 18.46 -8.50
C SER B 184 -27.33 19.23 -9.13
N GLY B 185 -28.47 19.23 -8.45
CA GLY B 185 -29.67 19.87 -8.96
C GLY B 185 -29.81 21.36 -8.67
N SER B 186 -31.04 21.86 -8.76
CA SER B 186 -31.29 23.27 -8.50
C SER B 186 -32.54 23.47 -7.64
N THR B 187 -33.65 22.85 -8.05
CA THR B 187 -34.91 22.92 -7.31
C THR B 187 -36.13 22.65 -8.19
N ARG B 188 -36.15 23.26 -9.37
CA ARG B 188 -37.14 22.95 -10.42
C ARG B 188 -36.48 22.06 -11.47
N PHE B 189 -35.17 21.91 -11.34
CA PHE B 189 -34.39 20.96 -12.12
C PHE B 189 -33.32 20.29 -11.23
N PRO B 190 -33.77 19.44 -10.27
CA PRO B 190 -32.80 18.76 -9.40
C PRO B 190 -32.32 17.47 -10.08
N ARG B 191 -31.10 17.05 -9.78
CA ARG B 191 -30.56 15.87 -10.44
C ARG B 191 -29.88 14.91 -9.48
N GLY B 192 -30.17 13.63 -9.63
CA GLY B 192 -29.64 12.62 -8.75
C GLY B 192 -28.53 11.80 -9.37
N VAL B 193 -27.30 11.99 -8.87
CA VAL B 193 -26.18 11.21 -9.34
C VAL B 193 -26.38 9.77 -8.88
N ILE B 194 -26.41 8.83 -9.83
CA ILE B 194 -26.41 7.39 -9.53
C ILE B 194 -25.00 6.89 -9.22
N ILE B 195 -24.85 6.24 -8.07
CA ILE B 195 -23.55 5.76 -7.64
C ILE B 195 -23.63 4.30 -7.20
N THR B 196 -22.94 3.44 -7.91
CA THR B 196 -22.87 2.03 -7.58
C THR B 196 -21.68 1.73 -6.67
N HIS B 197 -21.77 0.68 -5.87
CA HIS B 197 -20.66 0.32 -5.00
C HIS B 197 -19.37 0.30 -5.78
N ARG B 198 -19.40 -0.26 -6.99
CA ARG B 198 -18.21 -0.37 -7.82
C ARG B 198 -17.59 1.02 -7.95
N GLU B 199 -18.44 2.01 -8.23
CA GLU B 199 -18.02 3.39 -8.42
C GLU B 199 -17.54 4.11 -7.16
N VAL B 200 -18.29 4.00 -6.06
CA VAL B 200 -17.87 4.60 -4.79
C VAL B 200 -16.58 3.97 -4.24
N ALA B 202 -14.16 2.36 -6.01
CA ALA B 202 -13.03 2.73 -6.85
C ALA B 202 -12.45 4.07 -6.40
N ASN B 203 -13.34 5.01 -6.08
CA ASN B 203 -12.94 6.34 -5.63
C ASN B 203 -12.34 6.29 -4.24
N LEU B 204 -13.01 5.61 -3.31
CA LEU B 204 -12.48 5.45 -1.96
C LEU B 204 -11.06 4.86 -1.97
N ARG B 205 -10.84 3.88 -2.84
CA ARG B 205 -9.51 3.37 -3.11
C ARG B 205 -8.56 4.53 -3.44
N ALA B 206 -8.81 5.18 -4.58
CA ALA B 206 -7.97 6.30 -5.05
C ALA B 206 -7.73 7.36 -4.00
N ILE B 207 -8.78 7.80 -3.33
CA ILE B 207 -8.65 8.85 -2.32
C ILE B 207 -7.68 8.42 -1.22
N SER B 208 -7.82 7.18 -0.74
CA SER B 208 -7.06 6.74 0.44
C SER B 208 -5.65 6.22 0.14
N HIS B 209 -5.41 5.82 -1.10
CA HIS B 209 -4.14 5.21 -1.45
C HIS B 209 -3.30 6.10 -2.34
N ASP B 210 -3.93 7.02 -3.04
CA ASP B 210 -3.26 7.83 -4.06
C ASP B 210 -3.55 9.32 -3.90
N GLY B 211 -4.59 9.63 -3.14
CA GLY B 211 -5.04 10.99 -2.96
C GLY B 211 -4.50 11.57 -1.67
N ILE B 212 -5.24 11.39 -0.59
CA ILE B 212 -4.82 11.84 0.72
C ILE B 212 -3.56 11.07 1.12
N LYS B 213 -3.50 9.83 0.62
CA LYS B 213 -2.47 8.86 0.99
C LYS B 213 -2.51 8.65 2.50
N LEU B 214 -3.65 8.16 2.98
CA LEU B 214 -3.85 7.93 4.41
C LEU B 214 -2.84 6.94 5.01
N ARG B 215 -2.69 6.98 6.32
CA ARG B 215 -1.77 6.13 7.03
C ARG B 215 -2.45 5.56 8.26
N PRO B 216 -1.93 4.44 8.78
CA PRO B 216 -2.52 4.03 10.05
C PRO B 216 -2.13 5.08 11.10
N GLY B 217 -2.98 5.25 12.10
CA GLY B 217 -2.71 6.25 13.11
C GLY B 217 -3.39 7.56 12.78
N ASP B 218 -3.75 7.76 11.52
CA ASP B 218 -4.47 8.94 11.09
C ASP B 218 -5.83 9.01 11.79
N ARG B 219 -6.31 10.22 12.02
CA ARG B 219 -7.61 10.43 12.63
C ARG B 219 -8.27 11.56 11.88
N CYS B 220 -9.53 11.34 11.49
CA CYS B 220 -10.28 12.30 10.70
C CYS B 220 -11.09 13.22 11.59
N VAL B 221 -11.04 14.51 11.29
CA VAL B 221 -11.92 15.50 11.90
C VAL B 221 -12.68 16.27 10.81
N SER B 222 -14.00 16.28 10.91
CA SER B 222 -14.81 16.99 9.93
C SER B 222 -15.99 17.72 10.56
N TRP B 223 -16.34 18.87 9.99
CA TRP B 223 -17.57 19.55 10.36
C TRP B 223 -18.53 19.64 9.17
N LEU B 224 -18.08 19.15 8.01
CA LEU B 224 -18.90 19.15 6.81
C LEU B 224 -20.26 18.49 7.07
N PRO B 225 -21.24 18.78 6.19
CA PRO B 225 -22.58 18.20 6.34
C PRO B 225 -22.69 16.91 5.57
N PHE B 226 -23.51 15.98 6.04
CA PHE B 226 -23.70 14.76 5.30
C PHE B 226 -24.60 14.97 4.09
N TYR B 227 -25.22 16.14 4.00
CA TYR B 227 -26.08 16.46 2.85
C TYR B 227 -25.28 17.03 1.66
N HIS B 228 -23.99 17.21 1.85
CA HIS B 228 -23.11 17.53 0.74
C HIS B 228 -22.30 16.31 0.38
N ASP B 229 -21.73 16.33 -0.81
CA ASP B 229 -20.95 15.22 -1.26
C ASP B 229 -19.67 15.01 -0.43
N GLY B 231 -18.87 15.87 2.61
CA GLY B 231 -19.11 15.34 3.94
C GLY B 231 -19.49 13.87 3.91
N LEU B 232 -20.28 13.49 2.91
CA LEU B 232 -20.80 12.13 2.83
C LEU B 232 -19.71 11.14 2.47
N VAL B 233 -19.30 11.16 1.21
CA VAL B 233 -18.24 10.29 0.70
C VAL B 233 -16.91 10.52 1.40
N GLY B 234 -16.64 11.77 1.75
CA GLY B 234 -15.35 12.11 2.34
C GLY B 234 -15.20 11.70 3.80
N PHE B 235 -16.18 12.01 4.62
CA PHE B 235 -16.01 11.83 6.07
C PHE B 235 -17.00 10.91 6.75
N LEU B 236 -17.75 10.16 5.95
CA LEU B 236 -18.55 9.06 6.47
C LEU B 236 -18.04 7.76 5.86
N LEU B 237 -18.09 7.70 4.54
CA LEU B 237 -17.70 6.50 3.82
C LEU B 237 -16.20 6.20 3.91
N THR B 238 -15.37 7.21 3.68
CA THR B 238 -13.92 7.01 3.62
C THR B 238 -13.31 6.50 4.94
N PRO B 239 -13.63 7.14 6.07
CA PRO B 239 -13.19 6.55 7.34
C PRO B 239 -13.65 5.11 7.54
N VAL B 240 -14.92 4.82 7.25
CA VAL B 240 -15.41 3.45 7.37
C VAL B 240 -14.62 2.49 6.51
N ALA B 241 -14.46 2.81 5.23
CA ALA B 241 -13.80 1.91 4.27
C ALA B 241 -12.29 1.79 4.50
N THR B 242 -11.80 2.50 5.51
CA THR B 242 -10.37 2.66 5.70
C THR B 242 -9.98 2.33 7.13
N GLN B 243 -10.98 2.06 7.96
CA GLN B 243 -10.85 1.71 9.38
C GLN B 243 -10.18 2.76 10.26
N LEU B 244 -10.26 4.03 9.85
CA LEU B 244 -9.82 5.12 10.70
C LEU B 244 -11.00 5.68 11.52
N SER B 245 -10.68 6.35 12.63
CA SER B 245 -11.72 6.98 13.45
C SER B 245 -11.99 8.40 12.96
N VAL B 246 -13.16 8.93 13.30
CA VAL B 246 -13.52 10.26 12.80
C VAL B 246 -14.25 11.08 13.87
N ASP B 247 -13.90 12.36 13.97
CA ASP B 247 -14.52 13.29 14.92
C ASP B 247 -15.40 14.31 14.20
N TYR B 248 -16.67 14.40 14.60
CA TYR B 248 -17.64 15.29 13.96
C TYR B 248 -18.09 16.51 14.77
N LEU B 249 -18.11 17.67 14.11
CA LEU B 249 -18.87 18.81 14.60
C LEU B 249 -20.05 18.96 13.67
N ARG B 250 -21.10 19.60 14.15
CA ARG B 250 -22.23 19.96 13.29
C ARG B 250 -21.84 21.19 12.48
N THR B 251 -22.29 21.26 11.23
CA THR B 251 -21.99 22.41 10.40
C THR B 251 -22.46 23.73 11.00
N GLN B 252 -23.68 23.75 11.54
CA GLN B 252 -24.21 25.00 12.07
C GLN B 252 -23.50 25.41 13.35
N ASP B 253 -23.01 24.42 14.10
CA ASP B 253 -22.19 24.71 15.28
C ASP B 253 -20.91 25.40 14.87
N PHE B 254 -20.29 24.88 13.81
CA PHE B 254 -19.05 25.43 13.28
C PHE B 254 -19.21 26.88 12.81
N ALA B 255 -20.26 27.13 12.03
CA ALA B 255 -20.46 28.44 11.44
C ALA B 255 -20.46 29.54 12.50
N ARG B 257 -19.17 28.99 15.90
CA ARG B 257 -17.93 28.89 16.66
C ARG B 257 -16.78 28.24 15.87
N PRO B 258 -16.32 28.90 14.80
CA PRO B 258 -15.39 28.27 13.84
C PRO B 258 -14.18 27.63 14.51
N LEU B 259 -13.70 28.19 15.60
CA LEU B 259 -12.45 27.68 16.16
C LEU B 259 -12.66 26.39 16.93
N GLN B 260 -13.86 25.85 16.94
CA GLN B 260 -14.04 24.56 17.61
C GLN B 260 -13.47 23.49 16.72
N TRP B 261 -13.53 23.71 15.42
CA TRP B 261 -12.87 22.86 14.45
C TRP B 261 -11.44 22.62 14.92
N LEU B 262 -10.67 23.71 15.02
CA LEU B 262 -9.28 23.62 15.47
C LEU B 262 -9.11 23.07 16.87
N LYS B 263 -10.00 23.43 17.79
CA LYS B 263 -9.94 22.85 19.13
C LYS B 263 -10.04 21.33 19.04
N LEU B 264 -10.92 20.89 18.17
CA LEU B 264 -11.20 19.46 18.05
C LEU B 264 -9.99 18.73 17.49
N ILE B 265 -9.43 19.26 16.40
CA ILE B 265 -8.23 18.68 15.83
C ILE B 265 -7.12 18.59 16.87
N SER B 266 -6.96 19.65 17.65
CA SER B 266 -5.90 19.69 18.63
C SER B 266 -6.23 18.81 19.81
N LYS B 267 -7.51 18.66 20.10
CA LYS B 267 -7.92 17.93 21.29
C LYS B 267 -7.47 16.48 21.21
N ASN B 268 -8.00 15.76 20.23
CA ASN B 268 -7.69 14.35 20.07
C ASN B 268 -6.60 14.12 19.05
N ARG B 269 -5.77 15.14 18.85
CA ARG B 269 -4.62 15.02 17.96
C ARG B 269 -5.08 14.57 16.57
N GLY B 270 -6.14 15.21 16.08
CA GLY B 270 -6.65 14.92 14.76
C GLY B 270 -5.56 15.05 13.71
N THR B 271 -5.67 14.25 12.66
CA THR B 271 -4.61 14.17 11.65
C THR B 271 -5.01 14.70 10.28
N VAL B 272 -6.15 14.22 9.79
CA VAL B 272 -6.66 14.61 8.48
C VAL B 272 -7.99 15.37 8.57
N SER B 273 -8.10 16.44 7.80
CA SER B 273 -9.32 17.21 7.76
C SER B 273 -9.37 17.98 6.46
N VAL B 274 -10.58 18.22 5.95
CA VAL B 274 -10.75 18.93 4.69
C VAL B 274 -11.96 19.84 4.77
N ALA B 275 -11.83 21.07 4.27
CA ALA B 275 -12.94 22.03 4.24
C ALA B 275 -12.85 22.92 3.00
N PRO B 276 -13.94 23.62 2.67
CA PRO B 276 -13.95 24.61 1.57
C PRO B 276 -13.03 25.78 1.91
N PRO B 277 -12.62 26.56 0.91
CA PRO B 277 -11.70 27.67 1.18
C PRO B 277 -12.20 28.62 2.25
N PHE B 278 -13.52 28.75 2.37
CA PHE B 278 -14.10 29.73 3.28
C PHE B 278 -14.01 29.25 4.70
N GLY B 279 -13.86 27.96 4.90
CA GLY B 279 -13.71 27.41 6.23
C GLY B 279 -12.40 27.85 6.88
N TYR B 280 -11.38 28.00 6.05
CA TYR B 280 -10.10 28.47 6.53
C TYR B 280 -10.17 29.97 6.77
N GLU B 281 -10.58 30.71 5.74
CA GLU B 281 -10.68 32.15 5.89
C GLU B 281 -11.52 32.57 7.10
N LEU B 282 -12.52 31.77 7.44
CA LEU B 282 -13.38 32.07 8.59
C LEU B 282 -12.66 31.94 9.94
N CYS B 283 -11.83 30.91 10.07
CA CYS B 283 -11.08 30.69 11.31
C CYS B 283 -10.02 31.75 11.52
N GLN B 284 -9.30 32.05 10.43
CA GLN B 284 -8.24 33.04 10.43
C GLN B 284 -8.76 34.43 10.79
N ARG B 285 -10.01 34.69 10.43
CA ARG B 285 -10.66 35.99 10.65
C ARG B 285 -11.29 36.11 12.03
N ARG B 286 -11.75 34.99 12.58
CA ARG B 286 -12.48 34.99 13.84
C ARG B 286 -11.76 34.30 14.99
N VAL B 287 -10.44 34.14 14.84
CA VAL B 287 -9.65 33.60 15.92
C VAL B 287 -9.33 34.73 16.89
N ASN B 288 -9.40 34.43 18.17
CA ASN B 288 -8.93 35.35 19.20
C ASN B 288 -7.73 34.76 19.93
N GLU B 289 -7.02 35.61 20.69
CA GLU B 289 -5.85 35.18 21.46
C GLU B 289 -6.12 34.04 22.44
N LYS B 290 -7.34 33.99 22.97
CA LYS B 290 -7.72 32.98 23.94
C LYS B 290 -7.75 31.59 23.31
N ASP B 291 -7.97 31.53 21.99
CA ASP B 291 -8.00 30.26 21.29
C ASP B 291 -6.58 29.77 21.01
N LEU B 292 -5.76 30.67 20.47
CA LEU B 292 -4.35 30.38 20.21
C LEU B 292 -3.68 29.82 21.46
N ALA B 293 -4.20 30.20 22.62
CA ALA B 293 -3.67 29.75 23.89
C ALA B 293 -3.66 28.22 24.01
N GLU B 294 -4.73 27.56 23.57
CA GLU B 294 -4.94 26.15 23.85
C GLU B 294 -4.90 25.23 22.62
N LEU B 295 -4.12 25.61 21.61
CA LEU B 295 -4.05 24.82 20.39
C LEU B 295 -2.63 24.34 20.10
N ASP B 296 -2.50 23.05 19.86
CA ASP B 296 -1.28 22.55 19.26
C ASP B 296 -1.62 21.86 17.95
N LEU B 297 -1.20 22.45 16.85
CA LEU B 297 -1.63 21.98 15.53
C LEU B 297 -0.57 21.13 14.83
N SER B 298 0.47 20.79 15.57
CA SER B 298 1.58 20.01 15.02
C SER B 298 1.12 18.64 14.54
N CYS B 299 0.04 18.15 15.14
CA CYS B 299 -0.52 16.83 14.83
C CYS B 299 -1.24 16.79 13.50
N TRP B 300 -1.48 17.98 12.94
CA TRP B 300 -2.23 18.10 11.70
C TRP B 300 -1.37 17.79 10.48
N ARG B 301 -1.76 16.75 9.75
CA ARG B 301 -0.91 16.15 8.72
C ARG B 301 -1.38 16.50 7.31
N VAL B 302 -2.68 16.40 7.09
CA VAL B 302 -3.28 16.74 5.81
C VAL B 302 -4.43 17.73 6.00
N ALA B 303 -4.14 19.00 5.72
CA ALA B 303 -5.15 20.06 5.75
C ALA B 303 -5.65 20.32 4.33
N GLY B 304 -6.69 19.61 3.92
CA GLY B 304 -7.12 19.62 2.53
C GLY B 304 -8.14 20.69 2.21
N ILE B 305 -7.98 21.35 1.06
CA ILE B 305 -8.94 22.36 0.66
C ILE B 305 -9.54 21.98 -0.67
N GLY B 306 -10.86 22.04 -0.76
CA GLY B 306 -11.54 21.76 -2.01
C GLY B 306 -12.91 22.38 -2.11
N ALA B 307 -13.65 21.99 -3.15
CA ALA B 307 -15.06 22.36 -3.33
C ALA B 307 -15.30 23.66 -4.06
N GLU B 308 -14.44 24.66 -3.87
CA GLU B 308 -14.53 25.90 -4.62
C GLU B 308 -13.15 26.32 -5.06
N PRO B 309 -13.08 27.14 -6.13
CA PRO B 309 -11.79 27.75 -6.50
C PRO B 309 -11.04 28.24 -5.26
N ILE B 310 -9.82 27.72 -5.10
CA ILE B 310 -9.04 27.93 -3.88
C ILE B 310 -8.29 29.26 -3.96
N SER B 311 -8.28 29.99 -2.85
CA SER B 311 -7.55 31.25 -2.80
C SER B 311 -6.21 31.08 -2.10
N ALA B 312 -5.12 31.05 -2.87
CA ALA B 312 -3.79 30.80 -2.32
C ALA B 312 -3.34 31.86 -1.31
N GLU B 313 -3.82 33.09 -1.51
CA GLU B 313 -3.51 34.21 -0.64
C GLU B 313 -4.18 34.02 0.73
N GLN B 314 -5.41 33.51 0.73
CA GLN B 314 -6.15 33.29 1.97
C GLN B 314 -5.49 32.21 2.80
N LEU B 315 -5.01 31.18 2.13
CA LEU B 315 -4.40 30.05 2.82
C LEU B 315 -3.05 30.44 3.41
N HIS B 316 -2.36 31.37 2.78
CA HIS B 316 -1.13 31.89 3.35
C HIS B 316 -1.45 32.68 4.64
N GLN B 317 -2.46 33.54 4.57
CA GLN B 317 -2.88 34.32 5.73
C GLN B 317 -3.22 33.37 6.87
N PHE B 318 -3.92 32.31 6.54
CA PHE B 318 -4.27 31.29 7.52
C PHE B 318 -3.01 30.65 8.10
N ALA B 319 -2.07 30.29 7.22
CA ALA B 319 -0.85 29.63 7.63
C ALA B 319 -0.07 30.50 8.59
N GLU B 320 0.08 31.78 8.24
CA GLU B 320 0.76 32.73 9.11
C GLU B 320 0.04 32.86 10.44
N CYS B 321 -1.25 33.17 10.37
CA CYS B 321 -2.04 33.31 11.57
C CYS B 321 -1.84 32.15 12.54
N PHE B 322 -1.67 30.94 11.99
CA PHE B 322 -1.61 29.75 12.83
C PHE B 322 -0.26 29.07 12.90
N ARG B 323 0.73 29.66 12.22
CA ARG B 323 2.10 29.19 12.34
C ARG B 323 2.49 29.08 13.81
N GLN B 324 2.14 30.11 14.59
CA GLN B 324 2.61 30.21 15.97
C GLN B 324 2.02 29.17 16.92
N VAL B 325 1.16 28.29 16.42
CA VAL B 325 0.69 27.19 17.23
C VAL B 325 1.02 25.87 16.55
N ASN B 326 2.10 25.88 15.78
CA ASN B 326 2.64 24.67 15.17
C ASN B 326 1.84 24.09 14.02
N PHE B 327 1.09 24.93 13.33
CA PHE B 327 0.50 24.48 12.08
C PHE B 327 1.53 24.64 10.97
N ASP B 328 1.74 23.54 10.24
CA ASP B 328 2.78 23.47 9.22
C ASP B 328 2.16 23.62 7.83
N ASN B 329 2.41 24.75 7.17
CA ASN B 329 1.83 25.03 5.86
C ASN B 329 2.06 23.96 4.78
N LYS B 330 3.00 23.05 4.99
CA LYS B 330 3.20 22.00 3.99
C LYS B 330 2.07 20.98 4.06
N THR B 331 1.29 21.02 5.13
CA THR B 331 0.16 20.12 5.25
C THR B 331 -1.02 20.46 4.32
N PHE B 332 -1.05 21.69 3.81
CA PHE B 332 -2.09 22.05 2.85
C PHE B 332 -2.11 21.14 1.65
N PRO B 334 -4.51 21.18 -1.54
CA PRO B 334 -5.57 21.53 -2.50
C PRO B 334 -6.03 20.29 -3.28
N CYS B 335 -7.34 20.04 -3.33
CA CYS B 335 -7.86 18.93 -4.14
C CYS B 335 -9.08 19.36 -4.96
N TYR B 336 -9.48 18.51 -5.91
CA TYR B 336 -10.58 18.81 -6.81
C TYR B 336 -11.49 17.62 -6.95
N GLY B 337 -12.78 17.87 -7.16
CA GLY B 337 -13.70 16.77 -7.31
C GLY B 337 -15.12 17.24 -7.51
N LEU B 338 -15.99 16.31 -7.91
CA LEU B 338 -17.40 16.59 -8.03
C LEU B 338 -18.13 15.30 -7.70
N ALA B 339 -19.40 15.41 -7.33
CA ALA B 339 -20.21 14.25 -6.96
C ALA B 339 -20.36 13.28 -8.13
N GLU B 340 -20.34 13.83 -9.34
CA GLU B 340 -20.46 13.04 -10.55
C GLU B 340 -19.36 12.00 -10.67
N ASN B 341 -18.31 12.14 -9.85
CA ASN B 341 -17.23 11.19 -9.87
C ASN B 341 -17.08 10.58 -8.49
N ALA B 342 -18.21 10.48 -7.80
CA ALA B 342 -18.26 10.04 -6.41
C ALA B 342 -17.79 11.14 -5.46
N LEU B 343 -16.54 11.55 -5.59
CA LEU B 343 -16.00 12.60 -4.72
C LEU B 343 -14.78 13.24 -5.34
N ALA B 344 -13.67 12.51 -5.36
CA ALA B 344 -12.40 13.10 -5.79
C ALA B 344 -11.98 12.86 -7.25
N VAL B 345 -11.27 13.85 -7.80
CA VAL B 345 -10.71 13.80 -9.14
C VAL B 345 -9.19 13.97 -9.11
N SER B 346 -8.70 14.89 -8.29
CA SER B 346 -7.27 15.12 -8.19
C SER B 346 -6.83 15.65 -6.82
N PHE B 347 -5.56 15.43 -6.50
CA PHE B 347 -4.99 15.93 -5.26
C PHE B 347 -3.61 16.50 -5.52
N SER B 348 -3.34 17.70 -5.00
CA SER B 348 -1.98 18.24 -5.04
C SER B 348 -1.04 17.26 -4.36
N ASP B 349 0.25 17.37 -4.67
CA ASP B 349 1.25 16.43 -4.16
C ASP B 349 1.35 16.38 -2.63
N GLU B 350 1.75 15.22 -2.12
CA GLU B 350 1.92 14.99 -0.69
C GLU B 350 2.95 15.96 -0.11
N ALA B 351 2.67 16.49 1.08
CA ALA B 351 3.60 17.36 1.79
C ALA B 351 4.04 18.56 0.95
N SER B 352 3.16 18.99 0.04
CA SER B 352 3.46 20.05 -0.94
C SER B 352 3.17 21.46 -0.44
N GLY B 353 2.06 21.62 0.28
CA GLY B 353 1.54 22.94 0.57
C GLY B 353 0.96 23.49 -0.71
N VAL B 354 0.56 24.75 -0.70
CA VAL B 354 -0.07 25.34 -1.87
C VAL B 354 0.93 25.56 -3.00
N VAL B 355 0.72 24.90 -4.13
CA VAL B 355 1.50 25.22 -5.31
C VAL B 355 0.66 26.05 -6.28
N VAL B 356 1.24 27.11 -6.84
CA VAL B 356 0.48 27.99 -7.70
C VAL B 356 1.10 28.15 -9.07
N ASN B 357 0.27 28.48 -10.05
CA ASN B 357 0.78 28.91 -11.34
C ASN B 357 0.25 30.30 -11.64
N GLU B 358 1.13 31.28 -11.78
CA GLU B 358 0.71 32.63 -12.15
C GLU B 358 0.63 32.80 -13.66
N VAL B 359 -0.37 33.54 -14.11
CA VAL B 359 -0.63 33.66 -15.53
C VAL B 359 -1.02 35.09 -15.86
N ASP B 360 -0.48 35.59 -16.97
CA ASP B 360 -0.85 36.92 -17.44
C ASP B 360 -2.36 36.98 -17.58
N ARG B 361 -2.99 37.71 -16.68
CA ARG B 361 -4.44 37.76 -16.66
C ARG B 361 -4.99 38.17 -18.00
N ASP B 362 -4.40 39.21 -18.58
CA ASP B 362 -4.89 39.75 -19.84
C ASP B 362 -4.88 38.72 -20.97
N ILE B 363 -3.86 37.88 -21.02
CA ILE B 363 -3.81 36.90 -22.07
C ILE B 363 -4.91 35.85 -21.86
N LEU B 364 -5.20 35.57 -20.60
CA LEU B 364 -6.24 34.61 -20.24
C LEU B 364 -7.59 35.11 -20.69
N GLU B 365 -7.87 36.37 -20.41
CA GLU B 365 -9.17 36.92 -20.69
C GLU B 365 -9.39 37.05 -22.18
N TYR B 366 -8.31 37.36 -22.91
CA TYR B 366 -8.41 37.72 -24.32
C TYR B 366 -8.07 36.58 -25.27
N GLN B 367 -7.25 35.64 -24.81
CA GLN B 367 -6.80 34.56 -25.69
C GLN B 367 -7.13 33.16 -25.17
N GLY B 368 -7.54 33.08 -23.92
CA GLY B 368 -7.88 31.79 -23.35
C GLY B 368 -6.69 30.89 -23.14
N LYS B 369 -5.49 31.46 -23.09
CA LYS B 369 -4.27 30.73 -22.78
C LYS B 369 -3.69 31.19 -21.44
N ALA B 370 -3.11 30.25 -20.70
CA ALA B 370 -2.40 30.59 -19.48
C ALA B 370 -0.91 30.64 -19.82
N VAL B 371 -0.33 31.84 -19.82
CA VAL B 371 1.11 31.96 -20.02
C VAL B 371 1.73 32.65 -18.80
N ALA B 372 3.01 32.42 -18.60
CA ALA B 372 3.69 33.03 -17.45
C ALA B 372 3.71 34.53 -17.64
N PRO B 373 3.55 35.29 -16.55
CA PRO B 373 3.60 36.74 -16.65
C PRO B 373 5.04 37.20 -16.91
N GLY B 374 5.23 38.07 -17.91
CA GLY B 374 6.54 38.64 -18.17
C GLY B 374 6.92 39.72 -17.18
N ALA B 375 7.47 40.82 -17.68
CA ALA B 375 7.75 41.98 -16.82
C ALA B 375 6.81 43.14 -17.19
N GLU B 376 6.55 43.28 -18.50
CA GLU B 376 5.60 44.27 -19.03
C GLU B 376 4.17 43.76 -18.83
N THR B 377 4.02 42.88 -17.84
CA THR B 377 2.74 42.24 -17.55
C THR B 377 1.94 43.07 -16.56
N ARG B 378 0.73 43.46 -16.97
CA ARG B 378 -0.12 44.36 -16.18
C ARG B 378 -0.82 43.70 -14.98
N ALA B 379 -1.74 42.78 -15.26
CA ALA B 379 -2.47 42.09 -14.21
C ALA B 379 -2.06 40.62 -14.13
N VAL B 380 -2.17 40.02 -12.95
CA VAL B 380 -1.84 38.60 -12.81
C VAL B 380 -2.84 37.78 -12.01
N SER B 381 -3.22 36.63 -12.55
CA SER B 381 -4.07 35.69 -11.83
C SER B 381 -3.25 34.51 -11.31
N THR B 382 -3.62 34.03 -10.14
CA THR B 382 -2.91 32.95 -9.49
C THR B 382 -3.85 31.77 -9.30
N PHE B 383 -3.62 30.68 -10.02
CA PHE B 383 -4.45 29.49 -9.82
C PHE B 383 -3.73 28.44 -9.00
N VAL B 384 -4.46 27.77 -8.12
CA VAL B 384 -3.87 26.74 -7.29
C VAL B 384 -3.77 25.43 -8.01
N ASN B 385 -2.59 24.81 -7.89
CA ASN B 385 -2.32 23.47 -8.42
C ASN B 385 -3.08 22.40 -7.65
N CYS B 386 -3.93 21.66 -8.38
CA CYS B 386 -4.84 20.67 -7.78
C CYS B 386 -4.38 19.21 -7.98
N GLY B 387 -3.22 19.00 -8.56
CA GLY B 387 -2.66 17.66 -8.71
C GLY B 387 -2.85 17.03 -10.07
N LYS B 388 -2.31 15.83 -10.25
CA LYS B 388 -2.52 15.08 -11.50
C LYS B 388 -3.64 14.02 -11.39
N ALA B 389 -4.09 13.51 -12.53
CA ALA B 389 -5.11 12.48 -12.52
C ALA B 389 -4.73 11.35 -11.59
N LEU B 390 -5.76 10.62 -11.13
CA LEU B 390 -5.60 9.49 -10.22
C LEU B 390 -5.28 8.21 -10.98
N PRO B 391 -4.54 7.30 -10.33
CA PRO B 391 -4.26 6.05 -11.03
C PRO B 391 -5.57 5.43 -11.51
N GLU B 392 -5.61 5.11 -12.80
CA GLU B 392 -6.74 4.46 -13.44
C GLU B 392 -7.80 5.46 -13.88
N HIS B 393 -7.52 6.74 -13.68
CA HIS B 393 -8.43 7.80 -14.10
C HIS B 393 -7.73 8.76 -15.06
N GLY B 394 -8.50 9.40 -15.93
CA GLY B 394 -7.95 10.37 -16.85
C GLY B 394 -8.60 11.74 -16.73
N ILE B 395 -7.78 12.77 -16.92
CA ILE B 395 -8.28 14.13 -16.96
C ILE B 395 -7.80 14.70 -18.27
N GLU B 396 -8.73 15.23 -19.04
CA GLU B 396 -8.42 15.79 -20.34
C GLU B 396 -9.08 17.16 -20.48
N ILE B 397 -8.40 18.11 -21.12
CA ILE B 397 -8.97 19.43 -21.40
C ILE B 397 -9.45 19.52 -22.85
N ARG B 398 -10.76 19.55 -23.05
CA ARG B 398 -11.32 19.64 -24.40
C ARG B 398 -11.96 20.99 -24.61
N ASN B 399 -12.08 21.42 -25.86
CA ASN B 399 -12.74 22.68 -26.11
C ASN B 399 -14.19 22.43 -26.43
N GLU B 400 -14.89 23.46 -26.85
CA GLU B 400 -16.35 23.36 -27.03
C GLU B 400 -16.77 22.39 -28.13
N ALA B 401 -16.03 22.35 -29.24
CA ALA B 401 -16.29 21.38 -30.32
C ALA B 401 -16.10 19.92 -29.87
N GLY B 402 -15.27 19.71 -28.86
CA GLY B 402 -15.04 18.39 -28.32
C GLY B 402 -13.59 17.95 -28.42
N PRO B 404 -9.58 17.64 -27.85
CA PRO B 404 -8.58 17.81 -26.78
C PRO B 404 -7.60 18.92 -27.15
N VAL B 405 -7.27 19.77 -26.18
CA VAL B 405 -6.43 20.92 -26.45
C VAL B 405 -5.07 20.85 -25.73
N ALA B 406 -4.07 21.50 -26.34
CA ALA B 406 -2.71 21.54 -25.83
C ALA B 406 -2.63 22.13 -24.43
N GLU B 407 -1.58 21.78 -23.70
CA GLU B 407 -1.38 22.33 -22.35
C GLU B 407 -1.43 23.84 -22.34
N ARG B 408 -1.88 24.39 -21.21
CA ARG B 408 -1.95 25.83 -21.04
C ARG B 408 -3.17 26.42 -21.73
N VAL B 409 -3.81 25.66 -22.61
CA VAL B 409 -5.07 26.13 -23.17
C VAL B 409 -6.19 25.82 -22.20
N VAL B 410 -7.07 26.78 -21.97
CA VAL B 410 -8.18 26.61 -21.04
C VAL B 410 -9.32 25.97 -21.80
N GLY B 411 -10.00 25.05 -21.13
CA GLY B 411 -11.10 24.33 -21.75
C GLY B 411 -11.90 23.57 -20.73
N HIS B 412 -12.82 22.74 -21.22
CA HIS B 412 -13.69 21.94 -20.37
C HIS B 412 -12.88 20.81 -19.78
N ILE B 413 -12.87 20.71 -18.46
CA ILE B 413 -12.22 19.61 -17.78
C ILE B 413 -13.09 18.39 -17.95
N CYS B 414 -12.53 17.36 -18.55
CA CYS B 414 -13.28 16.14 -18.85
C CYS B 414 -12.65 14.99 -18.11
N ILE B 415 -13.47 14.15 -17.48
CA ILE B 415 -12.94 13.07 -16.65
C ILE B 415 -13.41 11.69 -17.07
N SER B 416 -12.53 10.69 -16.90
CA SER B 416 -12.88 9.28 -17.10
C SER B 416 -12.33 8.40 -15.98
N GLY B 417 -12.80 7.16 -15.91
CA GLY B 417 -12.29 6.26 -14.88
C GLY B 417 -13.37 5.55 -14.09
N PRO B 418 -12.96 4.60 -13.24
CA PRO B 418 -13.91 3.75 -12.53
C PRO B 418 -14.81 4.53 -11.57
N SER B 419 -14.37 5.68 -11.08
CA SER B 419 -15.14 6.44 -10.10
C SER B 419 -16.31 7.19 -10.73
N LEU B 420 -16.48 7.01 -12.03
CA LEU B 420 -17.49 7.75 -12.78
C LEU B 420 -18.90 7.21 -12.56
N SER B 422 -23.00 6.44 -13.11
CA SER B 422 -23.75 5.75 -14.16
C SER B 422 -24.59 6.72 -14.96
N GLY B 423 -24.81 7.90 -14.39
CA GLY B 423 -25.66 8.92 -14.97
C GLY B 423 -26.59 9.52 -13.93
N TYR B 424 -27.55 10.32 -14.38
CA TYR B 424 -28.53 10.89 -13.47
C TYR B 424 -29.75 10.01 -13.45
N PHE B 425 -30.31 9.82 -12.26
CA PHE B 425 -31.49 8.98 -12.07
C PHE B 425 -32.71 9.54 -12.80
N GLY B 426 -33.40 8.68 -13.55
CA GLY B 426 -34.56 9.06 -14.33
C GLY B 426 -34.20 9.67 -15.67
N ASP B 427 -32.90 9.86 -15.89
CA ASP B 427 -32.35 10.48 -17.11
C ASP B 427 -31.60 9.41 -17.89
N GLN B 428 -32.25 8.89 -18.93
CA GLN B 428 -31.69 7.77 -19.68
C GLN B 428 -30.52 8.16 -20.58
N VAL B 429 -30.67 9.26 -21.31
CA VAL B 429 -29.61 9.69 -22.20
C VAL B 429 -28.28 9.93 -21.46
N SER B 430 -28.35 10.54 -20.28
CA SER B 430 -27.13 10.76 -19.49
C SER B 430 -26.42 9.45 -19.23
N GLN B 431 -27.20 8.44 -18.84
CA GLN B 431 -26.68 7.11 -18.51
C GLN B 431 -26.16 6.43 -19.76
N ASP B 432 -26.84 6.66 -20.88
CA ASP B 432 -26.49 6.02 -22.14
C ASP B 432 -25.19 6.55 -22.71
N GLU B 433 -24.94 7.84 -22.54
CA GLU B 433 -23.72 8.48 -23.02
C GLU B 433 -22.48 8.14 -22.19
N ILE B 434 -22.63 7.99 -20.88
CA ILE B 434 -21.48 7.67 -20.05
C ILE B 434 -21.10 6.21 -20.29
N ALA B 435 -22.06 5.42 -20.78
CA ALA B 435 -21.78 4.06 -21.19
C ALA B 435 -21.04 4.07 -22.52
N ALA B 436 -21.54 4.88 -23.44
CA ALA B 436 -20.98 5.00 -24.77
C ALA B 436 -19.52 5.52 -24.83
N THR B 437 -19.16 6.42 -23.93
CA THR B 437 -17.90 7.15 -24.09
C THR B 437 -16.92 7.00 -22.92
N GLY B 438 -17.45 6.69 -21.75
CA GLY B 438 -16.65 6.63 -20.55
C GLY B 438 -16.05 7.99 -20.22
N TRP B 439 -16.64 9.04 -20.77
CA TRP B 439 -16.20 10.42 -20.55
C TRP B 439 -17.30 11.34 -20.00
N LEU B 440 -16.94 12.16 -19.02
CA LEU B 440 -17.85 13.17 -18.49
C LEU B 440 -17.27 14.57 -18.63
N ASP B 441 -18.14 15.52 -18.93
CA ASP B 441 -17.76 16.91 -18.91
C ASP B 441 -18.26 17.49 -17.60
N THR B 442 -17.34 17.81 -16.72
CA THR B 442 -17.68 18.36 -15.41
C THR B 442 -18.33 19.73 -15.47
N GLY B 443 -18.27 20.38 -16.64
CA GLY B 443 -18.71 21.75 -16.78
C GLY B 443 -17.80 22.76 -16.10
N ASP B 444 -16.56 22.35 -15.82
CA ASP B 444 -15.57 23.22 -15.17
C ASP B 444 -14.47 23.59 -16.15
N LEU B 445 -14.07 24.85 -16.16
CA LEU B 445 -12.97 25.29 -17.02
C LEU B 445 -11.65 25.12 -16.29
N GLY B 446 -10.57 24.93 -17.04
CA GLY B 446 -9.29 24.73 -16.40
C GLY B 446 -8.26 24.41 -17.46
N TYR B 447 -7.04 24.09 -17.02
CA TYR B 447 -5.98 23.78 -17.96
C TYR B 447 -4.95 22.83 -17.38
N LEU B 448 -4.17 22.22 -18.25
CA LEU B 448 -3.11 21.33 -17.80
C LEU B 448 -1.72 21.98 -17.98
N LEU B 449 -0.86 21.78 -16.98
CA LEU B 449 0.51 22.25 -17.03
C LEU B 449 1.38 21.22 -16.36
N ASP B 450 2.17 20.52 -17.16
CA ASP B 450 3.09 19.49 -16.69
C ASP B 450 2.32 18.44 -15.92
N GLY B 451 1.18 18.06 -16.47
CA GLY B 451 0.37 17.00 -15.91
C GLY B 451 -0.53 17.42 -14.75
N TYR B 452 -0.33 18.65 -14.28
CA TYR B 452 -1.11 19.15 -13.15
C TYR B 452 -2.36 19.89 -13.62
N LEU B 453 -3.45 19.69 -12.89
CA LEU B 453 -4.73 20.34 -13.17
C LEU B 453 -4.91 21.65 -12.40
N TYR B 454 -5.12 22.73 -13.16
CA TYR B 454 -5.47 24.02 -12.58
C TYR B 454 -6.92 24.36 -12.88
N VAL B 455 -7.76 24.34 -11.85
CA VAL B 455 -9.18 24.62 -12.05
C VAL B 455 -9.43 26.12 -11.94
N THR B 456 -10.23 26.67 -12.85
CA THR B 456 -10.44 28.12 -12.84
C THR B 456 -11.88 28.56 -12.56
N GLY B 457 -12.84 27.65 -12.67
CA GLY B 457 -14.22 27.92 -12.34
C GLY B 457 -15.17 27.18 -13.24
N ARG B 458 -16.48 27.30 -12.99
CA ARG B 458 -17.51 26.70 -13.85
C ARG B 458 -17.67 27.53 -15.12
N ILE B 459 -18.05 26.89 -16.22
CA ILE B 459 -18.30 27.64 -17.46
C ILE B 459 -19.57 28.43 -17.31
N LYS B 460 -20.56 27.81 -16.69
CA LYS B 460 -21.83 28.46 -16.37
C LYS B 460 -21.67 29.84 -15.69
N ASP B 461 -20.58 30.01 -14.96
CA ASP B 461 -20.28 31.26 -14.22
C ASP B 461 -19.36 32.22 -14.98
N LEU B 462 -18.59 31.71 -15.93
CA LEU B 462 -17.72 32.57 -16.74
C LEU B 462 -18.49 33.75 -17.33
N ILE B 463 -17.99 34.95 -17.10
CA ILE B 463 -18.56 36.15 -17.70
C ILE B 463 -18.10 36.34 -19.13
N ILE B 464 -18.99 36.09 -20.08
CA ILE B 464 -18.62 36.21 -21.48
C ILE B 464 -19.18 37.49 -22.10
N ILE B 465 -18.25 38.30 -22.61
CA ILE B 465 -18.60 39.52 -23.35
C ILE B 465 -17.94 39.55 -24.72
N ARG B 466 -17.90 40.73 -25.31
CA ARG B 466 -17.28 40.92 -26.61
C ARG B 466 -15.79 40.65 -26.54
N GLY B 467 -15.41 39.46 -26.99
CA GLY B 467 -14.01 39.16 -27.21
C GLY B 467 -13.10 39.02 -26.00
N ARG B 468 -13.68 39.02 -24.80
CA ARG B 468 -12.94 38.55 -23.63
C ARG B 468 -13.83 37.95 -22.55
N ASN B 469 -13.31 36.91 -21.90
CA ASN B 469 -13.99 36.28 -20.79
C ASN B 469 -13.40 36.81 -19.51
N ILE B 470 -14.24 37.06 -18.52
CA ILE B 470 -13.75 37.57 -17.25
C ILE B 470 -14.20 36.62 -16.15
N TRP B 471 -13.29 36.25 -15.26
CA TRP B 471 -13.64 35.33 -14.19
C TRP B 471 -14.28 36.03 -12.99
N PRO B 472 -15.52 35.63 -12.63
CA PRO B 472 -16.35 36.33 -11.65
C PRO B 472 -15.64 36.59 -10.34
N GLN B 473 -14.89 35.62 -9.83
CA GLN B 473 -14.21 35.79 -8.55
C GLN B 473 -13.27 36.99 -8.55
N ASP B 474 -12.65 37.23 -9.71
CA ASP B 474 -11.68 38.31 -9.90
C ASP B 474 -12.32 39.70 -9.75
N ILE B 475 -13.62 39.78 -9.95
CA ILE B 475 -14.37 41.02 -9.74
C ILE B 475 -14.86 41.07 -8.30
N GLU B 476 -15.40 39.95 -7.83
CA GLU B 476 -15.89 39.84 -6.45
C GLU B 476 -14.76 40.11 -5.45
N TYR B 477 -13.55 39.73 -5.82
CA TYR B 477 -12.38 39.97 -4.98
C TYR B 477 -12.30 41.43 -4.56
N ILE B 478 -12.39 42.33 -5.54
CA ILE B 478 -12.39 43.78 -5.28
C ILE B 478 -13.40 44.15 -4.21
N ALA B 479 -14.57 43.51 -4.28
CA ALA B 479 -15.63 43.78 -3.33
C ALA B 479 -15.20 43.33 -1.93
N GLU B 480 -14.66 42.13 -1.84
CA GLU B 480 -14.29 41.52 -0.57
C GLU B 480 -13.11 42.23 0.08
N GLN B 481 -12.52 43.18 -0.63
CA GLN B 481 -11.47 44.01 -0.06
C GLN B 481 -12.04 44.92 1.02
N GLU B 482 -13.27 45.39 0.82
CA GLU B 482 -13.94 46.16 1.85
C GLU B 482 -14.04 45.29 3.11
N PRO B 483 -14.08 45.94 4.28
CA PRO B 483 -14.19 45.26 5.58
C PRO B 483 -15.56 44.61 5.77
N GLU B 484 -16.62 45.34 5.42
CA GLU B 484 -17.97 44.81 5.49
C GLU B 484 -18.16 43.48 4.76
N ILE B 485 -17.31 43.20 3.79
CA ILE B 485 -17.56 42.11 2.86
C ILE B 485 -16.57 40.94 2.97
N HIS B 486 -17.13 39.73 2.87
CA HIS B 486 -16.38 38.50 3.06
C HIS B 486 -16.64 37.56 1.91
N SER B 487 -15.80 36.53 1.80
CA SER B 487 -15.97 35.50 0.77
C SER B 487 -17.42 35.02 0.66
N GLY B 488 -18.01 35.20 -0.52
CA GLY B 488 -19.33 34.68 -0.80
C GLY B 488 -20.43 35.70 -0.62
N ASP B 489 -20.05 36.90 -0.21
CA ASP B 489 -21.02 37.97 -0.03
C ASP B 489 -21.26 38.67 -1.35
N ALA B 490 -20.29 38.60 -2.25
CA ALA B 490 -20.42 39.28 -3.52
C ALA B 490 -20.46 38.29 -4.67
N ILE B 491 -21.31 38.60 -5.65
CA ILE B 491 -21.56 37.72 -6.77
C ILE B 491 -21.61 38.53 -8.06
N ALA B 492 -20.89 38.08 -9.08
CA ALA B 492 -20.84 38.80 -10.34
C ALA B 492 -21.30 37.93 -11.50
N PHE B 493 -22.19 38.47 -12.31
CA PHE B 493 -22.62 37.77 -13.51
C PHE B 493 -22.77 38.77 -14.64
N VAL B 494 -23.09 38.26 -15.81
CA VAL B 494 -23.29 39.12 -16.97
C VAL B 494 -24.68 38.91 -17.55
N THR B 495 -25.33 40.03 -17.83
CA THR B 495 -26.71 40.10 -18.29
C THR B 495 -26.85 39.76 -19.78
N ALA B 496 -28.05 39.38 -20.20
CA ALA B 496 -28.34 39.15 -21.62
C ALA B 496 -27.80 40.25 -22.52
N GLN B 497 -28.11 41.51 -22.17
CA GLN B 497 -27.62 42.70 -22.88
C GLN B 497 -26.13 43.03 -22.59
N GLU B 498 -25.40 42.04 -22.09
CA GLU B 498 -23.97 42.18 -21.80
C GLU B 498 -23.64 43.28 -20.79
N LYS B 499 -24.50 43.46 -19.79
CA LYS B 499 -24.20 44.39 -18.70
C LYS B 499 -23.67 43.59 -17.52
N ILE B 500 -22.59 44.05 -16.90
CA ILE B 500 -22.03 43.32 -15.79
C ILE B 500 -22.70 43.76 -14.49
N ILE B 501 -23.03 42.80 -13.64
CA ILE B 501 -23.66 43.13 -12.37
C ILE B 501 -22.91 42.51 -11.19
N LEU B 502 -22.71 43.32 -10.16
CA LEU B 502 -22.11 42.85 -8.91
C LEU B 502 -23.14 42.96 -7.79
N GLN B 503 -23.78 41.85 -7.48
CA GLN B 503 -24.70 41.84 -6.36
C GLN B 503 -23.97 41.48 -5.08
N ILE B 504 -24.23 42.25 -4.03
CA ILE B 504 -23.51 42.10 -2.77
C ILE B 504 -24.47 42.01 -1.59
N GLN B 505 -24.60 40.83 -1.01
CA GLN B 505 -25.36 40.77 0.22
C GLN B 505 -24.50 41.20 1.40
N CYS B 506 -24.98 42.19 2.14
CA CYS B 506 -24.20 42.80 3.19
C CYS B 506 -25.17 43.45 4.17
N ARG B 507 -24.72 43.68 5.41
CA ARG B 507 -25.56 44.44 6.34
C ARG B 507 -24.98 45.84 6.60
N ILE B 508 -25.44 46.80 5.81
CA ILE B 508 -25.01 48.19 5.94
C ILE B 508 -26.24 49.08 5.93
N SER B 509 -26.50 49.73 7.06
CA SER B 509 -27.72 50.52 7.17
C SER B 509 -27.39 51.99 7.04
N ASP B 510 -26.11 52.31 7.29
CA ASP B 510 -25.59 53.67 7.22
C ASP B 510 -25.61 54.15 5.77
N GLU B 511 -26.53 55.05 5.45
CA GLU B 511 -26.81 55.40 4.07
C GLU B 511 -25.65 56.11 3.40
N GLU B 512 -24.79 56.73 4.20
CA GLU B 512 -23.65 57.43 3.64
C GLU B 512 -22.61 56.42 3.13
N ARG B 513 -22.33 55.40 3.95
CA ARG B 513 -21.37 54.37 3.56
C ARG B 513 -21.84 53.64 2.30
N ARG B 514 -23.13 53.32 2.23
CA ARG B 514 -23.69 52.65 1.07
C ARG B 514 -23.32 53.39 -0.19
N GLY B 515 -23.43 54.71 -0.15
CA GLY B 515 -23.22 55.52 -1.34
C GLY B 515 -21.77 55.58 -1.76
N GLN B 516 -20.91 55.83 -0.79
CA GLN B 516 -19.48 55.91 -1.07
C GLN B 516 -18.92 54.54 -1.44
N LEU B 517 -19.53 53.48 -0.92
CA LEU B 517 -19.10 52.11 -1.20
C LEU B 517 -19.43 51.67 -2.61
N ILE B 518 -20.68 51.90 -3.03
CA ILE B 518 -21.08 51.60 -4.40
C ILE B 518 -20.18 52.35 -5.36
N HIS B 519 -20.08 53.65 -5.15
CA HIS B 519 -19.30 54.51 -6.03
C HIS B 519 -17.82 54.12 -6.08
N ALA B 520 -17.24 53.88 -4.90
CA ALA B 520 -15.83 53.49 -4.81
C ALA B 520 -15.58 52.20 -5.56
N LEU B 521 -16.41 51.19 -5.27
CA LEU B 521 -16.28 49.87 -5.88
C LEU B 521 -16.45 49.94 -7.40
N ALA B 522 -17.44 50.69 -7.87
CA ALA B 522 -17.64 50.86 -9.30
C ALA B 522 -16.37 51.43 -9.96
N ALA B 523 -15.75 52.39 -9.29
CA ALA B 523 -14.55 53.04 -9.83
C ALA B 523 -13.39 52.07 -9.89
N ARG B 524 -13.21 51.26 -8.84
CA ARG B 524 -12.08 50.34 -8.83
C ARG B 524 -12.23 49.27 -9.88
N ILE B 525 -13.46 48.82 -10.10
CA ILE B 525 -13.72 47.87 -11.17
C ILE B 525 -13.39 48.50 -12.53
N GLN B 526 -13.75 49.77 -12.72
CA GLN B 526 -13.46 50.46 -13.98
C GLN B 526 -11.96 50.56 -14.24
N SER B 527 -11.19 50.63 -13.16
CA SER B 527 -9.75 50.80 -13.25
C SER B 527 -9.04 49.46 -13.50
N GLU B 528 -9.35 48.46 -12.69
CA GLU B 528 -8.72 47.14 -12.81
C GLU B 528 -9.17 46.32 -14.03
N PHE B 529 -10.36 46.64 -14.54
CA PHE B 529 -10.92 45.86 -15.64
C PHE B 529 -11.35 46.66 -16.87
N GLY B 530 -11.53 47.96 -16.72
CA GLY B 530 -12.03 48.77 -17.84
C GLY B 530 -13.47 48.45 -18.18
N VAL B 531 -14.16 47.95 -17.16
CA VAL B 531 -15.52 47.47 -17.31
C VAL B 531 -16.35 48.23 -16.29
N THR B 532 -17.57 48.62 -16.64
CA THR B 532 -18.39 49.24 -15.59
C THR B 532 -19.49 48.29 -15.12
N ALA B 533 -19.57 48.12 -13.81
CA ALA B 533 -20.47 47.16 -13.21
C ALA B 533 -21.53 47.84 -12.36
N ALA B 534 -22.78 47.40 -12.53
CA ALA B 534 -23.85 47.86 -11.65
C ALA B 534 -23.65 47.23 -10.28
N ILE B 535 -23.41 48.06 -9.27
CA ILE B 535 -23.26 47.57 -7.91
C ILE B 535 -24.60 47.56 -7.19
N ASP B 536 -25.09 46.36 -6.88
CA ASP B 536 -26.38 46.16 -6.25
C ASP B 536 -26.22 45.72 -4.80
N LEU B 537 -26.45 46.62 -3.85
CA LEU B 537 -26.40 46.24 -2.45
C LEU B 537 -27.68 45.53 -1.95
N LEU B 538 -27.58 44.23 -1.65
CA LEU B 538 -28.73 43.45 -1.17
C LEU B 538 -28.69 43.19 0.34
N PRO B 539 -29.86 42.84 0.92
CA PRO B 539 -29.90 42.46 2.34
C PRO B 539 -29.14 41.17 2.60
N PRO B 540 -28.74 40.97 3.86
CA PRO B 540 -28.10 39.70 4.20
C PRO B 540 -28.99 38.52 3.79
N HIS B 541 -28.37 37.39 3.45
CA HIS B 541 -29.07 36.18 3.02
C HIS B 541 -30.03 36.36 1.84
N SER B 542 -29.73 37.29 0.94
CA SER B 542 -30.58 37.54 -0.23
C SER B 542 -30.37 36.51 -1.34
N ILE B 543 -29.13 36.08 -1.53
CA ILE B 543 -28.89 34.93 -2.40
C ILE B 543 -28.08 33.87 -1.65
N PRO B 544 -28.71 32.75 -1.28
CA PRO B 544 -27.99 31.75 -0.50
C PRO B 544 -27.26 30.74 -1.40
N ARG B 545 -26.41 29.93 -0.77
CA ARG B 545 -25.60 28.97 -1.52
C ARG B 545 -26.49 27.87 -2.09
N THR B 546 -25.99 27.23 -3.13
CA THR B 546 -26.75 26.23 -3.86
C THR B 546 -26.88 24.92 -3.08
N SER B 547 -27.53 23.93 -3.69
CA SER B 547 -27.69 22.62 -3.06
C SER B 547 -26.36 22.01 -2.59
N SER B 548 -25.29 22.26 -3.33
CA SER B 548 -23.98 21.72 -3.01
C SER B 548 -23.10 22.71 -2.25
N GLY B 549 -23.67 23.87 -1.92
CA GLY B 549 -23.00 24.86 -1.08
C GLY B 549 -22.15 25.87 -1.84
N LYS B 550 -22.45 26.03 -3.12
CA LYS B 550 -21.69 26.95 -3.98
C LYS B 550 -22.47 28.26 -4.20
N PRO B 551 -21.75 29.40 -4.30
CA PRO B 551 -22.35 30.70 -4.61
C PRO B 551 -23.23 30.62 -5.86
N ALA B 552 -24.51 30.95 -5.73
CA ALA B 552 -25.46 30.73 -6.82
C ALA B 552 -25.43 31.84 -7.85
N ARG B 553 -24.30 31.98 -8.55
CA ARG B 553 -24.17 33.00 -9.58
C ARG B 553 -25.15 32.82 -10.72
N ALA B 554 -25.21 31.60 -11.27
CA ALA B 554 -26.09 31.32 -12.41
C ALA B 554 -27.55 31.52 -12.04
N GLU B 555 -27.88 31.21 -10.80
CA GLU B 555 -29.25 31.35 -10.33
C GLU B 555 -29.58 32.82 -10.10
N ALA B 556 -28.58 33.59 -9.67
CA ALA B 556 -28.73 35.04 -9.48
C ALA B 556 -28.91 35.74 -10.82
N LYS B 557 -28.10 35.35 -11.79
CA LYS B 557 -28.22 35.85 -13.16
C LYS B 557 -29.64 35.68 -13.75
N LYS B 558 -30.28 34.57 -13.43
CA LYS B 558 -31.58 34.23 -14.01
C LYS B 558 -32.74 34.94 -13.30
N ARG B 559 -32.55 35.27 -12.03
CA ARG B 559 -33.52 36.08 -11.32
C ARG B 559 -33.40 37.52 -11.78
N TYR B 560 -32.16 37.96 -12.01
CA TYR B 560 -31.90 39.31 -12.47
C TYR B 560 -32.48 39.50 -13.86
N GLN B 561 -32.22 38.54 -14.73
CA GLN B 561 -32.77 38.53 -16.06
C GLN B 561 -34.30 38.58 -16.06
N LYS B 562 -34.92 37.77 -15.21
CA LYS B 562 -36.37 37.71 -15.08
C LYS B 562 -36.99 39.01 -14.57
N ALA B 563 -36.26 39.75 -13.74
CA ALA B 563 -36.77 41.03 -13.21
C ALA B 563 -36.64 42.16 -14.23
N TYR B 564 -35.79 41.93 -15.23
CA TYR B 564 -35.63 42.83 -16.35
C TYR B 564 -36.76 42.58 -17.33
N ALA B 565 -37.02 41.29 -17.60
CA ALA B 565 -38.16 40.88 -18.41
C ALA B 565 -39.47 41.44 -17.82
N ALA B 566 -39.54 41.46 -16.50
CA ALA B 566 -40.70 41.97 -15.76
C ALA B 566 -40.91 43.47 -15.98
N SER B 567 -39.82 44.24 -15.91
CA SER B 567 -39.89 45.70 -16.03
C SER B 567 -39.93 46.21 -17.47
N LEU B 568 -40.06 45.28 -18.42
CA LEU B 568 -40.17 45.63 -19.85
C LEU B 568 -38.82 46.05 -20.43
#